data_2YU5
#
_entry.id   2YU5
#
loop_
_entity.id
_entity.type
_entity.pdbx_description
1 polymer 'Zinc finger protein 473'
2 non-polymer 'ZINC ION'
#
_entity_poly.entity_id   1
_entity_poly.type   'polypeptide(L)'
_entity_poly.pdbx_seq_one_letter_code
;GSSGSSGAGENPFKCSKCDRVFTQRNYLVQHERTHARKSGPSSG
;
_entity_poly.pdbx_strand_id   A
#
# COMPACT_ATOMS: atom_id res chain seq x y z
N GLY A 1 13.57 26.33 -15.11
CA GLY A 1 12.44 25.86 -15.90
C GLY A 1 12.35 24.36 -15.95
N SER A 2 11.98 23.75 -14.83
CA SER A 2 11.84 22.30 -14.76
C SER A 2 10.53 21.91 -14.07
N SER A 3 9.52 21.64 -14.89
CA SER A 3 8.21 21.26 -14.36
C SER A 3 7.46 20.39 -15.36
N GLY A 4 6.31 19.87 -14.94
CA GLY A 4 5.52 19.02 -15.81
C GLY A 4 4.60 18.10 -15.05
N SER A 5 5.18 17.09 -14.40
CA SER A 5 4.39 16.13 -13.63
C SER A 5 5.01 15.92 -12.25
N SER A 6 4.16 15.57 -11.28
CA SER A 6 4.63 15.35 -9.92
C SER A 6 4.27 13.94 -9.46
N GLY A 7 4.15 13.02 -10.42
CA GLY A 7 3.83 11.64 -10.09
C GLY A 7 2.53 11.52 -9.32
N ALA A 8 2.33 10.38 -8.68
CA ALA A 8 1.12 10.14 -7.90
C ALA A 8 1.11 10.99 -6.64
N GLY A 9 -0.05 11.08 -5.99
CA GLY A 9 -0.17 11.86 -4.78
C GLY A 9 0.39 11.15 -3.56
N GLU A 10 0.21 11.75 -2.39
CA GLU A 10 0.71 11.16 -1.16
C GLU A 10 -0.31 11.32 -0.03
N ASN A 11 -0.36 10.33 0.85
CA ASN A 11 -1.29 10.35 1.97
C ASN A 11 -0.70 9.64 3.18
N PRO A 12 -1.25 9.93 4.37
CA PRO A 12 -0.80 9.33 5.63
C PRO A 12 -1.13 7.85 5.73
N PHE A 13 -2.28 7.47 5.17
CA PHE A 13 -2.71 6.08 5.19
C PHE A 13 -1.83 5.21 4.30
N LYS A 14 -0.73 4.73 4.87
CA LYS A 14 0.21 3.88 4.13
C LYS A 14 0.11 2.43 4.58
N CYS A 15 0.35 1.50 3.66
CA CYS A 15 0.29 0.08 3.97
C CYS A 15 1.58 -0.39 4.65
N SER A 16 1.43 -1.33 5.57
CA SER A 16 2.59 -1.86 6.30
C SER A 16 3.32 -2.89 5.46
N LYS A 17 2.58 -3.85 4.91
CA LYS A 17 3.16 -4.90 4.09
C LYS A 17 3.97 -4.30 2.94
N CYS A 18 3.26 -3.67 2.01
CA CYS A 18 3.91 -3.06 0.85
C CYS A 18 3.94 -1.54 0.98
N ASP A 19 4.32 -0.86 -0.09
CA ASP A 19 4.38 0.59 -0.09
C ASP A 19 3.19 1.20 -0.82
N ARG A 20 2.00 0.93 -0.30
CA ARG A 20 0.77 1.45 -0.91
C ARG A 20 0.15 2.54 -0.04
N VAL A 21 -0.68 3.37 -0.65
CA VAL A 21 -1.34 4.46 0.06
C VAL A 21 -2.80 4.59 -0.34
N PHE A 22 -3.61 5.15 0.54
CA PHE A 22 -5.04 5.33 0.27
C PHE A 22 -5.54 6.64 0.85
N THR A 23 -6.71 7.08 0.40
CA THR A 23 -7.29 8.32 0.87
C THR A 23 -8.28 8.07 2.01
N GLN A 24 -8.12 6.94 2.68
CA GLN A 24 -8.99 6.58 3.79
C GLN A 24 -8.44 5.37 4.55
N ARG A 25 -8.99 5.12 5.73
CA ARG A 25 -8.55 4.00 6.55
C ARG A 25 -9.27 2.72 6.14
N ASN A 26 -10.49 2.86 5.64
CA ASN A 26 -11.28 1.71 5.21
C ASN A 26 -10.64 1.03 4.00
N TYR A 27 -10.33 1.83 2.99
CA TYR A 27 -9.71 1.30 1.77
C TYR A 27 -8.36 0.66 2.08
N LEU A 28 -7.73 1.11 3.15
CA LEU A 28 -6.43 0.59 3.55
C LEU A 28 -6.59 -0.76 4.25
N VAL A 29 -7.60 -0.87 5.10
CA VAL A 29 -7.86 -2.11 5.82
C VAL A 29 -8.14 -3.26 4.87
N GLN A 30 -9.11 -3.06 3.98
CA GLN A 30 -9.48 -4.08 3.00
C GLN A 30 -8.25 -4.54 2.22
N HIS A 31 -7.28 -3.65 2.07
CA HIS A 31 -6.06 -3.98 1.34
C HIS A 31 -5.06 -4.71 2.24
N GLU A 32 -5.12 -4.42 3.53
CA GLU A 32 -4.22 -5.05 4.49
C GLU A 32 -4.64 -6.49 4.77
N ARG A 33 -5.93 -6.77 4.62
CA ARG A 33 -6.46 -8.11 4.86
C ARG A 33 -6.18 -9.01 3.66
N THR A 34 -6.12 -8.42 2.47
CA THR A 34 -5.86 -9.18 1.25
C THR A 34 -4.44 -9.72 1.23
N HIS A 35 -3.55 -9.07 1.96
CA HIS A 35 -2.16 -9.49 2.03
C HIS A 35 -2.04 -10.86 2.71
N ALA A 36 -2.06 -11.91 1.89
CA ALA A 36 -1.95 -13.27 2.39
C ALA A 36 -0.94 -14.08 1.59
N ARG A 37 0.11 -13.40 1.12
CA ARG A 37 1.14 -14.07 0.34
C ARG A 37 2.31 -14.49 1.22
N LYS A 38 2.66 -13.65 2.18
CA LYS A 38 3.75 -13.94 3.11
C LYS A 38 3.36 -15.04 4.08
N SER A 39 4.12 -16.14 4.05
CA SER A 39 3.85 -17.27 4.93
C SER A 39 5.14 -18.03 5.23
N GLY A 40 5.42 -18.20 6.52
CA GLY A 40 6.62 -18.90 6.94
C GLY A 40 7.79 -17.97 7.20
N PRO A 41 8.92 -18.54 7.64
CA PRO A 41 10.13 -17.76 7.95
C PRO A 41 10.77 -17.19 6.69
N SER A 42 10.25 -16.07 6.22
CA SER A 42 10.77 -15.42 5.01
C SER A 42 10.50 -13.91 5.05
N SER A 43 11.51 -13.15 5.43
CA SER A 43 11.39 -11.69 5.50
C SER A 43 12.73 -11.05 5.82
N GLY A 44 12.77 -9.72 5.75
CA GLY A 44 14.01 -9.00 6.02
C GLY A 44 13.77 -7.53 6.31
N GLY A 1 -2.48 16.89 -19.80
CA GLY A 1 -2.12 17.09 -18.42
C GLY A 1 -3.31 17.43 -17.55
N SER A 2 -4.18 16.44 -17.34
CA SER A 2 -5.38 16.63 -16.54
C SER A 2 -5.01 17.06 -15.12
N SER A 3 -6.01 17.53 -14.37
CA SER A 3 -5.79 17.98 -13.01
C SER A 3 -7.12 18.11 -12.26
N GLY A 4 -7.39 17.17 -11.36
CA GLY A 4 -8.62 17.20 -10.60
C GLY A 4 -8.42 16.82 -9.15
N SER A 5 -7.47 17.49 -8.49
CA SER A 5 -7.17 17.21 -7.10
C SER A 5 -7.28 18.47 -6.25
N SER A 6 -7.71 18.31 -5.00
CA SER A 6 -7.86 19.44 -4.10
C SER A 6 -6.76 19.44 -3.03
N GLY A 7 -5.62 18.85 -3.37
CA GLY A 7 -4.52 18.79 -2.44
C GLY A 7 -3.26 18.22 -3.06
N ALA A 8 -2.77 17.13 -2.50
CA ALA A 8 -1.56 16.49 -3.01
C ALA A 8 -1.53 15.01 -2.62
N GLY A 9 -0.60 14.26 -3.24
CA GLY A 9 -0.49 12.85 -2.95
C GLY A 9 0.25 12.59 -1.65
N GLU A 10 0.86 11.41 -1.54
CA GLU A 10 1.59 11.04 -0.33
C GLU A 10 0.70 11.15 0.90
N ASN A 11 -0.36 10.34 0.94
CA ASN A 11 -1.29 10.35 2.05
C ASN A 11 -0.70 9.63 3.27
N PRO A 12 -1.25 9.91 4.45
CA PRO A 12 -0.79 9.30 5.70
C PRO A 12 -1.13 7.81 5.78
N PHE A 13 -2.28 7.43 5.22
CA PHE A 13 -2.71 6.04 5.23
C PHE A 13 -1.82 5.19 4.32
N LYS A 14 -0.73 4.69 4.89
CA LYS A 14 0.21 3.86 4.14
C LYS A 14 0.10 2.40 4.58
N CYS A 15 0.36 1.50 3.64
CA CYS A 15 0.30 0.06 3.93
C CYS A 15 1.58 -0.41 4.60
N SER A 16 1.45 -1.37 5.52
CA SER A 16 2.60 -1.90 6.24
C SER A 16 3.34 -2.92 5.39
N LYS A 17 2.60 -3.88 4.84
CA LYS A 17 3.18 -4.91 4.00
C LYS A 17 3.98 -4.31 2.85
N CYS A 18 3.26 -3.67 1.91
CA CYS A 18 3.90 -3.04 0.77
C CYS A 18 3.93 -1.52 0.92
N ASP A 19 4.31 -0.84 -0.15
CA ASP A 19 4.37 0.62 -0.13
C ASP A 19 3.17 1.23 -0.85
N ARG A 20 1.98 0.96 -0.34
CA ARG A 20 0.76 1.48 -0.92
C ARG A 20 0.15 2.56 -0.05
N VAL A 21 -0.69 3.40 -0.65
CA VAL A 21 -1.34 4.49 0.08
C VAL A 21 -2.81 4.62 -0.33
N PHE A 22 -3.61 5.17 0.57
CA PHE A 22 -5.04 5.35 0.31
C PHE A 22 -5.54 6.67 0.90
N THR A 23 -6.70 7.11 0.45
CA THR A 23 -7.29 8.36 0.94
C THR A 23 -8.27 8.08 2.07
N GLN A 24 -8.12 6.95 2.73
CA GLN A 24 -8.98 6.57 3.84
C GLN A 24 -8.44 5.36 4.57
N ARG A 25 -8.98 5.10 5.76
CA ARG A 25 -8.55 3.96 6.57
C ARG A 25 -9.27 2.68 6.13
N ASN A 26 -10.49 2.83 5.65
CA ASN A 26 -11.27 1.68 5.20
C ASN A 26 -10.64 1.03 3.98
N TYR A 27 -10.33 1.83 2.96
CA TYR A 27 -9.71 1.33 1.74
C TYR A 27 -8.36 0.68 2.05
N LEU A 28 -7.73 1.12 3.13
CA LEU A 28 -6.44 0.58 3.53
C LEU A 28 -6.60 -0.78 4.21
N VAL A 29 -7.59 -0.88 5.09
CA VAL A 29 -7.84 -2.13 5.81
C VAL A 29 -8.12 -3.27 4.84
N GLN A 30 -9.10 -3.05 3.96
CA GLN A 30 -9.48 -4.07 2.98
C GLN A 30 -8.26 -4.53 2.19
N HIS A 31 -7.28 -3.65 2.04
CA HIS A 31 -6.07 -3.96 1.31
C HIS A 31 -5.06 -4.69 2.20
N GLU A 32 -5.12 -4.41 3.49
CA GLU A 32 -4.21 -5.03 4.45
C GLU A 32 -4.63 -6.48 4.72
N ARG A 33 -5.94 -6.73 4.67
CA ARG A 33 -6.46 -8.07 4.91
C ARG A 33 -6.16 -8.99 3.74
N THR A 34 -6.15 -8.45 2.54
CA THR A 34 -5.87 -9.22 1.34
C THR A 34 -4.45 -9.78 1.36
N HIS A 35 -3.57 -9.11 2.09
CA HIS A 35 -2.18 -9.53 2.20
C HIS A 35 -2.08 -10.88 2.91
N ALA A 36 -2.10 -11.96 2.13
CA ALA A 36 -2.01 -13.30 2.68
C ALA A 36 -0.97 -14.14 1.92
N ARG A 37 -0.18 -14.90 2.68
CA ARG A 37 0.85 -15.74 2.08
C ARG A 37 1.77 -14.92 1.17
N LYS A 38 2.62 -15.61 0.43
CA LYS A 38 3.54 -14.95 -0.48
C LYS A 38 4.46 -13.99 0.27
N SER A 39 4.95 -14.44 1.43
CA SER A 39 5.83 -13.61 2.24
C SER A 39 6.29 -14.38 3.49
N GLY A 40 7.60 -14.46 3.66
CA GLY A 40 8.15 -15.17 4.82
C GLY A 40 9.46 -14.57 5.29
N PRO A 41 10.54 -14.83 4.55
CA PRO A 41 11.87 -14.33 4.88
C PRO A 41 11.99 -12.82 4.69
N SER A 42 11.49 -12.06 5.67
CA SER A 42 11.53 -10.61 5.61
C SER A 42 10.82 -10.10 4.36
N SER A 43 10.81 -8.77 4.19
CA SER A 43 10.17 -8.17 3.04
C SER A 43 11.20 -7.46 2.15
N GLY A 44 11.86 -6.45 2.70
CA GLY A 44 12.86 -5.71 1.94
C GLY A 44 12.74 -4.22 2.14
N GLY A 1 1.72 21.41 -15.27
CA GLY A 1 1.45 21.18 -16.69
C GLY A 1 2.66 20.66 -17.44
N SER A 2 2.43 20.17 -18.64
CA SER A 2 3.53 19.64 -19.46
C SER A 2 4.20 18.46 -18.78
N SER A 3 5.17 17.86 -19.46
CA SER A 3 5.90 16.72 -18.92
C SER A 3 6.62 17.10 -17.63
N GLY A 4 6.13 16.57 -16.51
CA GLY A 4 6.75 16.86 -15.22
C GLY A 4 6.31 15.89 -14.14
N SER A 5 5.25 16.25 -13.43
CA SER A 5 4.74 15.41 -12.36
C SER A 5 3.56 14.57 -12.84
N SER A 6 3.30 13.47 -12.14
CA SER A 6 2.20 12.58 -12.50
C SER A 6 0.95 12.90 -11.69
N GLY A 7 1.15 13.41 -10.47
CA GLY A 7 0.02 13.75 -9.62
C GLY A 7 0.46 14.13 -8.21
N ALA A 8 1.54 13.52 -7.75
CA ALA A 8 2.06 13.80 -6.41
C ALA A 8 1.01 13.52 -5.34
N GLY A 9 1.06 12.32 -4.78
CA GLY A 9 0.10 11.94 -3.76
C GLY A 9 0.74 11.14 -2.64
N GLU A 10 0.92 11.76 -1.48
CA GLU A 10 1.52 11.11 -0.33
C GLU A 10 0.62 11.21 0.89
N ASN A 11 -0.37 10.33 0.98
CA ASN A 11 -1.31 10.33 2.10
C ASN A 11 -0.71 9.60 3.30
N PRO A 12 -1.27 9.88 4.49
CA PRO A 12 -0.81 9.26 5.74
C PRO A 12 -1.14 7.77 5.81
N PHE A 13 -2.29 7.40 5.24
CA PHE A 13 -2.72 6.01 5.24
C PHE A 13 -1.84 5.16 4.34
N LYS A 14 -0.74 4.65 4.90
CA LYS A 14 0.19 3.82 4.15
C LYS A 14 0.09 2.36 4.57
N CYS A 15 0.34 1.45 3.64
CA CYS A 15 0.28 0.02 3.92
C CYS A 15 1.57 -0.45 4.59
N SER A 16 1.43 -1.41 5.49
CA SER A 16 2.59 -1.95 6.21
C SER A 16 3.33 -2.98 5.36
N LYS A 17 2.57 -3.92 4.79
CA LYS A 17 3.16 -4.96 3.95
C LYS A 17 3.96 -4.34 2.80
N CYS A 18 3.26 -3.70 1.88
CA CYS A 18 3.90 -3.06 0.74
C CYS A 18 3.93 -1.54 0.90
N ASP A 19 4.30 -0.85 -0.16
CA ASP A 19 4.37 0.61 -0.14
C ASP A 19 3.17 1.21 -0.86
N ARG A 20 1.98 0.94 -0.34
CA ARG A 20 0.75 1.47 -0.93
C ARG A 20 0.14 2.55 -0.05
N VAL A 21 -0.69 3.40 -0.65
CA VAL A 21 -1.34 4.48 0.09
C VAL A 21 -2.80 4.61 -0.33
N PHE A 22 -3.62 5.16 0.58
CA PHE A 22 -5.03 5.34 0.31
C PHE A 22 -5.53 6.66 0.91
N THR A 23 -6.70 7.11 0.46
CA THR A 23 -7.28 8.34 0.95
C THR A 23 -8.27 8.08 2.08
N GLN A 24 -8.12 6.93 2.73
CA GLN A 24 -8.99 6.55 3.84
C GLN A 24 -8.46 5.32 4.56
N ARG A 25 -9.01 5.05 5.74
CA ARG A 25 -8.59 3.89 6.53
C ARG A 25 -9.33 2.63 6.09
N ASN A 26 -10.55 2.81 5.60
CA ASN A 26 -11.36 1.69 5.14
C ASN A 26 -10.74 1.03 3.92
N TYR A 27 -10.32 1.85 2.96
CA TYR A 27 -9.72 1.34 1.74
C TYR A 27 -8.36 0.67 2.04
N LEU A 28 -7.73 1.11 3.12
CA LEU A 28 -6.44 0.56 3.52
C LEU A 28 -6.61 -0.80 4.19
N VAL A 29 -7.55 -0.88 5.13
CA VAL A 29 -7.81 -2.12 5.84
C VAL A 29 -8.10 -3.27 4.86
N GLN A 30 -9.08 -3.05 4.00
CA GLN A 30 -9.47 -4.06 3.02
C GLN A 30 -8.25 -4.52 2.22
N HIS A 31 -7.28 -3.63 2.05
CA HIS A 31 -6.07 -3.95 1.32
C HIS A 31 -5.05 -4.66 2.20
N GLU A 32 -5.09 -4.35 3.50
CA GLU A 32 -4.16 -4.97 4.45
C GLU A 32 -4.56 -6.40 4.75
N ARG A 33 -5.86 -6.69 4.66
CA ARG A 33 -6.37 -8.03 4.92
C ARG A 33 -6.09 -8.95 3.74
N THR A 34 -6.19 -8.42 2.53
CA THR A 34 -5.94 -9.19 1.32
C THR A 34 -4.53 -9.77 1.32
N HIS A 35 -3.61 -9.08 1.99
CA HIS A 35 -2.22 -9.53 2.07
C HIS A 35 -2.13 -10.90 2.74
N ALA A 36 -2.06 -11.95 1.94
CA ALA A 36 -1.97 -13.31 2.46
C ALA A 36 -0.77 -14.04 1.87
N ARG A 37 -0.83 -14.33 0.57
CA ARG A 37 0.25 -15.02 -0.12
C ARG A 37 0.75 -14.22 -1.30
N LYS A 38 1.89 -13.56 -1.13
CA LYS A 38 2.49 -12.75 -2.18
C LYS A 38 3.66 -13.48 -2.83
N SER A 39 4.69 -13.75 -2.05
CA SER A 39 5.87 -14.45 -2.55
C SER A 39 6.47 -15.35 -1.49
N GLY A 40 5.62 -16.12 -0.82
CA GLY A 40 6.08 -17.02 0.22
C GLY A 40 6.84 -18.21 -0.34
N PRO A 41 7.52 -18.94 0.55
CA PRO A 41 8.30 -20.13 0.16
C PRO A 41 7.42 -21.29 -0.28
N SER A 42 7.48 -21.63 -1.56
CA SER A 42 6.68 -22.71 -2.10
C SER A 42 7.02 -24.03 -1.41
N SER A 43 6.04 -24.61 -0.73
CA SER A 43 6.22 -25.86 -0.02
C SER A 43 5.63 -27.02 -0.80
N GLY A 44 6.50 -27.82 -1.43
CA GLY A 44 6.04 -28.95 -2.20
C GLY A 44 6.97 -30.15 -2.10
N GLY A 1 17.05 13.82 -17.89
CA GLY A 1 17.09 12.90 -16.77
C GLY A 1 15.74 12.72 -16.11
N SER A 2 15.10 11.59 -16.38
CA SER A 2 13.79 11.29 -15.81
C SER A 2 13.80 11.46 -14.30
N SER A 3 12.83 12.22 -13.79
CA SER A 3 12.72 12.45 -12.35
C SER A 3 11.28 12.43 -11.90
N GLY A 4 11.03 11.85 -10.72
CA GLY A 4 9.69 11.76 -10.19
C GLY A 4 9.43 12.80 -9.13
N SER A 5 10.08 13.95 -9.23
CA SER A 5 9.91 15.02 -8.26
C SER A 5 9.35 16.27 -8.91
N SER A 6 8.45 16.07 -9.88
CA SER A 6 7.84 17.18 -10.59
C SER A 6 6.41 17.41 -10.10
N GLY A 7 6.15 17.03 -8.85
CA GLY A 7 4.83 17.20 -8.28
C GLY A 7 4.03 15.92 -8.28
N ALA A 8 3.75 15.40 -7.09
CA ALA A 8 2.98 14.18 -6.95
C ALA A 8 2.01 14.26 -5.77
N GLY A 9 1.38 13.14 -5.45
CA GLY A 9 0.43 13.12 -4.35
C GLY A 9 0.70 11.98 -3.38
N GLU A 10 0.43 12.22 -2.10
CA GLU A 10 0.65 11.20 -1.07
C GLU A 10 -0.39 11.33 0.03
N ASN A 11 -0.39 10.35 0.94
CA ASN A 11 -1.34 10.35 2.05
C ASN A 11 -0.75 9.63 3.26
N PRO A 12 -1.32 9.90 4.44
CA PRO A 12 -0.88 9.30 5.70
C PRO A 12 -1.20 7.81 5.77
N PHE A 13 -2.33 7.43 5.21
CA PHE A 13 -2.75 6.03 5.22
C PHE A 13 -1.85 5.19 4.31
N LYS A 14 -0.77 4.66 4.89
CA LYS A 14 0.17 3.84 4.14
C LYS A 14 0.09 2.38 4.58
N CYS A 15 0.34 1.47 3.65
CA CYS A 15 0.29 0.04 3.94
C CYS A 15 1.59 -0.42 4.61
N SER A 16 1.46 -1.37 5.53
CA SER A 16 2.62 -1.89 6.24
C SER A 16 3.37 -2.91 5.39
N LYS A 17 2.63 -3.87 4.83
CA LYS A 17 3.22 -4.91 4.00
C LYS A 17 4.02 -4.28 2.85
N CYS A 18 3.31 -3.66 1.92
CA CYS A 18 3.95 -3.02 0.77
C CYS A 18 3.95 -1.50 0.93
N ASP A 19 4.32 -0.81 -0.15
CA ASP A 19 4.38 0.65 -0.12
C ASP A 19 3.17 1.25 -0.83
N ARG A 20 1.98 0.95 -0.33
CA ARG A 20 0.75 1.44 -0.92
C ARG A 20 0.14 2.54 -0.05
N VAL A 21 -0.69 3.38 -0.65
CA VAL A 21 -1.35 4.47 0.07
C VAL A 21 -2.81 4.60 -0.34
N PHE A 22 -3.61 5.15 0.56
CA PHE A 22 -5.04 5.33 0.30
C PHE A 22 -5.54 6.65 0.89
N THR A 23 -6.71 7.09 0.43
CA THR A 23 -7.30 8.33 0.92
C THR A 23 -8.28 8.08 2.05
N GLN A 24 -8.11 6.94 2.72
CA GLN A 24 -8.98 6.57 3.83
C GLN A 24 -8.45 5.35 4.57
N ARG A 25 -9.01 5.08 5.75
CA ARG A 25 -8.58 3.94 6.55
C ARG A 25 -9.32 2.67 6.12
N ASN A 26 -10.53 2.84 5.60
CA ASN A 26 -11.33 1.71 5.16
C ASN A 26 -10.71 1.04 3.94
N TYR A 27 -10.30 1.85 2.97
CA TYR A 27 -9.69 1.34 1.75
C TYR A 27 -8.35 0.68 2.06
N LEU A 28 -7.71 1.12 3.14
CA LEU A 28 -6.42 0.57 3.54
C LEU A 28 -6.59 -0.79 4.21
N VAL A 29 -7.53 -0.88 5.14
CA VAL A 29 -7.79 -2.12 5.84
C VAL A 29 -8.09 -3.26 4.88
N GLN A 30 -9.07 -3.03 4.00
CA GLN A 30 -9.46 -4.04 3.02
C GLN A 30 -8.24 -4.51 2.22
N HIS A 31 -7.26 -3.63 2.08
CA HIS A 31 -6.04 -3.97 1.33
C HIS A 31 -5.05 -4.69 2.23
N GLU A 32 -5.09 -4.40 3.52
CA GLU A 32 -4.19 -5.03 4.48
C GLU A 32 -4.61 -6.46 4.77
N ARG A 33 -5.91 -6.72 4.63
CA ARG A 33 -6.45 -8.05 4.88
C ARG A 33 -6.19 -8.98 3.69
N THR A 34 -6.14 -8.40 2.50
CA THR A 34 -5.89 -9.18 1.28
C THR A 34 -4.48 -9.74 1.27
N HIS A 35 -3.57 -9.08 1.98
CA HIS A 35 -2.18 -9.52 2.05
C HIS A 35 -2.08 -10.91 2.68
N ALA A 36 -1.97 -11.93 1.84
CA ALA A 36 -1.86 -13.30 2.33
C ALA A 36 -0.67 -14.01 1.69
N ARG A 37 0.38 -13.25 1.41
CA ARG A 37 1.58 -13.80 0.81
C ARG A 37 2.84 -13.14 1.38
N LYS A 38 2.85 -11.81 1.38
CA LYS A 38 3.97 -11.06 1.90
C LYS A 38 5.26 -11.44 1.18
N SER A 39 5.39 -11.03 -0.07
CA SER A 39 6.57 -11.32 -0.87
C SER A 39 7.68 -10.31 -0.62
N GLY A 40 8.80 -10.48 -1.31
CA GLY A 40 9.92 -9.56 -1.14
C GLY A 40 9.60 -8.17 -1.64
N PRO A 41 10.62 -7.29 -1.64
CA PRO A 41 10.47 -5.90 -2.09
C PRO A 41 10.26 -5.80 -3.59
N SER A 42 9.38 -4.89 -4.00
CA SER A 42 9.08 -4.69 -5.41
C SER A 42 8.72 -3.24 -5.70
N SER A 43 9.35 -2.32 -4.98
CA SER A 43 9.08 -0.90 -5.14
C SER A 43 10.39 -0.11 -5.18
N GLY A 44 11.39 -0.66 -5.87
CA GLY A 44 12.67 0.01 -5.97
C GLY A 44 13.60 -0.33 -4.81
N GLY A 1 18.80 5.86 -8.44
CA GLY A 1 19.31 5.09 -9.57
C GLY A 1 18.76 5.57 -10.90
N SER A 2 17.44 5.70 -10.98
CA SER A 2 16.80 6.14 -12.21
C SER A 2 15.28 6.26 -12.02
N SER A 3 14.66 5.14 -11.66
CA SER A 3 13.22 5.11 -11.45
C SER A 3 12.83 4.00 -10.46
N GLY A 4 11.97 4.35 -9.50
CA GLY A 4 11.55 3.38 -8.51
C GLY A 4 10.07 3.51 -8.16
N SER A 5 9.79 3.79 -6.90
CA SER A 5 8.42 3.93 -6.44
C SER A 5 8.03 5.40 -6.35
N SER A 6 7.37 5.90 -7.41
CA SER A 6 6.95 7.30 -7.45
C SER A 6 5.66 7.50 -6.67
N GLY A 7 4.80 6.47 -6.69
CA GLY A 7 3.53 6.56 -5.97
C GLY A 7 2.52 7.41 -6.70
N ALA A 8 1.25 7.07 -6.55
CA ALA A 8 0.17 7.81 -7.20
C ALA A 8 -0.19 9.06 -6.41
N GLY A 9 -0.50 8.88 -5.14
CA GLY A 9 -0.86 10.00 -4.29
C GLY A 9 -0.18 9.96 -2.94
N GLU A 10 0.08 11.14 -2.37
CA GLU A 10 0.75 11.22 -1.07
C GLU A 10 -0.28 11.36 0.05
N ASN A 11 -0.35 10.34 0.90
CA ASN A 11 -1.29 10.34 2.01
C ASN A 11 -0.68 9.64 3.24
N PRO A 12 -1.25 9.91 4.42
CA PRO A 12 -0.79 9.32 5.68
C PRO A 12 -1.11 7.83 5.77
N PHE A 13 -2.25 7.44 5.22
CA PHE A 13 -2.67 6.05 5.23
C PHE A 13 -1.78 5.20 4.33
N LYS A 14 -0.70 4.68 4.89
CA LYS A 14 0.24 3.85 4.14
C LYS A 14 0.17 2.40 4.59
N CYS A 15 0.32 1.48 3.64
CA CYS A 15 0.28 0.06 3.94
C CYS A 15 1.56 -0.40 4.62
N SER A 16 1.45 -1.35 5.53
CA SER A 16 2.61 -1.87 6.25
C SER A 16 3.36 -2.89 5.40
N LYS A 17 2.62 -3.84 4.85
CA LYS A 17 3.21 -4.88 4.02
C LYS A 17 3.98 -4.28 2.85
N CYS A 18 3.25 -3.66 1.93
CA CYS A 18 3.86 -3.02 0.77
C CYS A 18 3.90 -1.51 0.92
N ASP A 19 4.26 -0.82 -0.15
CA ASP A 19 4.34 0.64 -0.13
C ASP A 19 3.13 1.26 -0.82
N ARG A 20 1.93 0.89 -0.35
CA ARG A 20 0.70 1.40 -0.92
C ARG A 20 0.12 2.52 -0.05
N VAL A 21 -0.73 3.34 -0.65
CA VAL A 21 -1.36 4.45 0.06
C VAL A 21 -2.83 4.59 -0.33
N PHE A 22 -3.62 5.16 0.58
CA PHE A 22 -5.04 5.37 0.33
C PHE A 22 -5.52 6.68 0.94
N THR A 23 -6.69 7.13 0.50
CA THR A 23 -7.26 8.37 1.01
C THR A 23 -8.23 8.11 2.14
N GLN A 24 -8.09 6.96 2.79
CA GLN A 24 -8.97 6.59 3.90
C GLN A 24 -8.42 5.36 4.63
N ARG A 25 -8.96 5.11 5.82
CA ARG A 25 -8.53 3.96 6.62
C ARG A 25 -9.26 2.69 6.18
N ASN A 26 -10.48 2.85 5.69
CA ASN A 26 -11.27 1.71 5.24
C ASN A 26 -10.62 1.05 4.02
N TYR A 27 -10.35 1.85 3.00
CA TYR A 27 -9.74 1.35 1.78
C TYR A 27 -8.40 0.69 2.07
N LEU A 28 -7.76 1.12 3.14
CA LEU A 28 -6.47 0.58 3.54
C LEU A 28 -6.62 -0.78 4.21
N VAL A 29 -7.63 -0.90 5.06
CA VAL A 29 -7.90 -2.15 5.77
C VAL A 29 -8.18 -3.28 4.79
N GLN A 30 -9.13 -3.07 3.89
CA GLN A 30 -9.49 -4.08 2.90
C GLN A 30 -8.26 -4.53 2.13
N HIS A 31 -7.28 -3.64 2.01
CA HIS A 31 -6.05 -3.97 1.29
C HIS A 31 -5.05 -4.66 2.20
N GLU A 32 -5.13 -4.37 3.50
CA GLU A 32 -4.23 -4.97 4.47
C GLU A 32 -4.64 -6.41 4.78
N ARG A 33 -5.93 -6.70 4.63
CA ARG A 33 -6.45 -8.04 4.89
C ARG A 33 -6.12 -8.98 3.73
N THR A 34 -6.05 -8.43 2.52
CA THR A 34 -5.75 -9.21 1.34
C THR A 34 -4.34 -9.79 1.40
N HIS A 35 -3.48 -9.14 2.17
CA HIS A 35 -2.10 -9.59 2.32
C HIS A 35 -2.04 -10.90 3.09
N ALA A 36 -2.12 -12.01 2.36
CA ALA A 36 -2.07 -13.34 2.97
C ALA A 36 -1.18 -14.27 2.18
N ARG A 37 -1.00 -15.49 2.69
CA ARG A 37 -0.17 -16.49 2.03
C ARG A 37 -0.20 -17.81 2.78
N LYS A 38 -0.70 -18.85 2.13
CA LYS A 38 -0.79 -20.17 2.73
C LYS A 38 0.54 -20.91 2.62
N SER A 39 1.14 -20.85 1.43
CA SER A 39 2.41 -21.52 1.18
C SER A 39 3.16 -20.86 0.04
N GLY A 40 4.48 -20.80 0.16
CA GLY A 40 5.29 -20.18 -0.88
C GLY A 40 5.29 -18.67 -0.79
N PRO A 41 5.96 -18.12 0.24
CA PRO A 41 6.04 -16.67 0.45
C PRO A 41 6.91 -15.99 -0.59
N SER A 42 6.28 -15.43 -1.61
CA SER A 42 7.00 -14.74 -2.68
C SER A 42 6.79 -13.24 -2.60
N SER A 43 7.89 -12.49 -2.63
CA SER A 43 7.82 -11.04 -2.56
C SER A 43 7.02 -10.59 -1.33
N GLY A 44 7.63 -10.74 -0.16
CA GLY A 44 6.97 -10.35 1.07
C GLY A 44 5.95 -11.37 1.54
N GLY A 1 -0.12 -4.43 -13.97
CA GLY A 1 0.38 -4.43 -12.60
C GLY A 1 1.71 -3.69 -12.48
N SER A 2 2.74 -4.24 -13.10
CA SER A 2 4.07 -3.64 -13.06
C SER A 2 4.20 -2.54 -14.10
N SER A 3 3.71 -1.35 -13.76
CA SER A 3 3.78 -0.21 -14.68
C SER A 3 4.82 0.79 -14.21
N GLY A 4 5.85 0.30 -13.54
CA GLY A 4 6.92 1.16 -13.06
C GLY A 4 6.48 2.00 -11.86
N SER A 5 5.78 3.09 -12.13
CA SER A 5 5.31 3.97 -11.07
C SER A 5 3.96 4.60 -11.44
N SER A 6 2.89 3.95 -11.02
CA SER A 6 1.54 4.43 -11.31
C SER A 6 1.07 5.40 -10.23
N GLY A 7 1.58 5.20 -9.02
CA GLY A 7 1.19 6.06 -7.91
C GLY A 7 2.02 7.34 -7.86
N ALA A 8 1.34 8.46 -7.63
CA ALA A 8 2.02 9.75 -7.56
C ALA A 8 1.61 10.52 -6.30
N GLY A 9 0.31 10.65 -6.11
CA GLY A 9 -0.19 11.36 -4.94
C GLY A 9 0.26 10.74 -3.64
N GLU A 10 0.42 11.56 -2.61
CA GLU A 10 0.85 11.07 -1.30
C GLU A 10 -0.29 11.15 -0.28
N ASN A 11 -0.13 10.44 0.83
CA ASN A 11 -1.14 10.43 1.88
C ASN A 11 -0.61 9.75 3.14
N PRO A 12 -1.27 10.03 4.28
CA PRO A 12 -0.88 9.45 5.57
C PRO A 12 -1.16 7.95 5.64
N PHE A 13 -2.29 7.54 5.07
CA PHE A 13 -2.67 6.14 5.08
C PHE A 13 -1.74 5.31 4.20
N LYS A 14 -0.74 4.69 4.82
CA LYS A 14 0.21 3.87 4.08
C LYS A 14 0.17 2.42 4.56
N CYS A 15 0.34 1.50 3.62
CA CYS A 15 0.32 0.07 3.94
C CYS A 15 1.62 -0.35 4.63
N SER A 16 1.50 -1.30 5.55
CA SER A 16 2.66 -1.79 6.28
C SER A 16 3.43 -2.82 5.46
N LYS A 17 2.70 -3.80 4.92
CA LYS A 17 3.31 -4.85 4.11
C LYS A 17 4.08 -4.25 2.93
N CYS A 18 3.34 -3.65 2.00
CA CYS A 18 3.95 -3.04 0.82
C CYS A 18 4.00 -1.52 0.97
N ASP A 19 4.39 -0.84 -0.11
CA ASP A 19 4.48 0.62 -0.10
C ASP A 19 3.27 1.24 -0.78
N ARG A 20 2.08 0.85 -0.34
CA ARG A 20 0.84 1.37 -0.91
C ARG A 20 0.29 2.51 -0.07
N VAL A 21 -0.54 3.35 -0.68
CA VAL A 21 -1.14 4.49 0.01
C VAL A 21 -2.62 4.61 -0.32
N PHE A 22 -3.38 5.23 0.58
CA PHE A 22 -4.81 5.42 0.38
C PHE A 22 -5.26 6.75 0.96
N THR A 23 -6.57 7.00 0.90
CA THR A 23 -7.13 8.25 1.41
C THR A 23 -8.01 7.98 2.63
N GLN A 24 -8.48 6.75 2.77
CA GLN A 24 -9.33 6.37 3.88
C GLN A 24 -8.82 5.08 4.54
N ARG A 25 -9.24 4.85 5.78
CA ARG A 25 -8.84 3.66 6.51
C ARG A 25 -9.61 2.44 6.04
N ASN A 26 -10.90 2.63 5.77
CA ASN A 26 -11.76 1.54 5.31
C ASN A 26 -11.19 0.90 4.05
N TYR A 27 -10.55 1.72 3.21
CA TYR A 27 -9.95 1.23 1.97
C TYR A 27 -8.61 0.57 2.23
N LEU A 28 -7.81 1.17 3.11
CA LEU A 28 -6.50 0.64 3.45
C LEU A 28 -6.62 -0.72 4.13
N VAL A 29 -7.56 -0.83 5.07
CA VAL A 29 -7.79 -2.07 5.79
C VAL A 29 -8.08 -3.22 4.83
N GLN A 30 -9.05 -3.01 3.94
CA GLN A 30 -9.43 -4.03 2.97
C GLN A 30 -8.20 -4.52 2.19
N HIS A 31 -7.21 -3.65 2.04
CA HIS A 31 -5.99 -3.99 1.32
C HIS A 31 -5.01 -4.72 2.23
N GLU A 32 -5.07 -4.41 3.52
CA GLU A 32 -4.18 -5.03 4.49
C GLU A 32 -4.62 -6.46 4.79
N ARG A 33 -5.90 -6.73 4.62
CA ARG A 33 -6.44 -8.06 4.87
C ARG A 33 -6.19 -8.99 3.68
N THR A 34 -6.14 -8.40 2.48
CA THR A 34 -5.91 -9.17 1.27
C THR A 34 -4.49 -9.74 1.25
N HIS A 35 -3.58 -9.10 1.97
CA HIS A 35 -2.20 -9.55 2.03
C HIS A 35 -2.10 -10.93 2.68
N ALA A 36 -2.10 -11.97 1.84
CA ALA A 36 -2.00 -13.33 2.33
C ALA A 36 -0.92 -14.11 1.60
N ARG A 37 -0.88 -15.42 1.82
CA ARG A 37 0.11 -16.28 1.19
C ARG A 37 -0.44 -17.68 0.96
N LYS A 38 0.37 -18.54 0.36
CA LYS A 38 -0.04 -19.91 0.08
C LYS A 38 0.21 -20.80 1.29
N SER A 39 -0.66 -21.79 1.48
CA SER A 39 -0.55 -22.71 2.60
C SER A 39 0.38 -23.87 2.26
N GLY A 40 1.25 -24.23 3.20
CA GLY A 40 2.18 -25.31 2.99
C GLY A 40 3.56 -24.82 2.59
N PRO A 41 4.46 -25.77 2.27
CA PRO A 41 5.84 -25.45 1.87
C PRO A 41 5.90 -24.77 0.50
N SER A 42 5.01 -25.19 -0.40
CA SER A 42 4.97 -24.63 -1.75
C SER A 42 6.33 -24.76 -2.43
N SER A 43 6.69 -25.99 -2.80
CA SER A 43 7.96 -26.25 -3.46
C SER A 43 7.79 -27.28 -4.57
N GLY A 44 8.14 -26.88 -5.79
CA GLY A 44 8.02 -27.79 -6.93
C GLY A 44 8.32 -27.09 -8.24
N GLY A 1 13.23 13.31 12.22
CA GLY A 1 12.83 14.65 11.84
C GLY A 1 12.10 14.69 10.51
N SER A 2 12.04 15.86 9.89
CA SER A 2 11.36 16.02 8.62
C SER A 2 11.86 17.26 7.89
N SER A 3 12.49 17.05 6.73
CA SER A 3 13.03 18.15 5.94
C SER A 3 13.50 17.66 4.58
N GLY A 4 12.85 16.62 4.08
CA GLY A 4 13.21 16.07 2.78
C GLY A 4 12.63 16.87 1.63
N SER A 5 12.53 16.23 0.46
CA SER A 5 11.99 16.89 -0.72
C SER A 5 10.47 16.96 -0.66
N SER A 6 9.86 17.48 -1.73
CA SER A 6 8.42 17.60 -1.80
C SER A 6 7.80 16.39 -2.49
N GLY A 7 8.57 15.76 -3.36
CA GLY A 7 8.09 14.60 -4.08
C GLY A 7 6.93 14.93 -5.01
N ALA A 8 5.71 14.71 -4.52
CA ALA A 8 4.52 14.99 -5.31
C ALA A 8 3.27 14.92 -4.45
N GLY A 9 2.95 13.73 -3.96
CA GLY A 9 1.77 13.56 -3.12
C GLY A 9 1.75 12.22 -2.41
N GLU A 10 1.97 12.24 -1.09
CA GLU A 10 1.98 11.01 -0.31
C GLU A 10 1.01 11.13 0.88
N ASN A 11 -0.09 10.39 0.80
CA ASN A 11 -1.09 10.40 1.86
C ASN A 11 -0.56 9.72 3.12
N PRO A 12 -1.19 10.01 4.26
CA PRO A 12 -0.80 9.44 5.56
C PRO A 12 -1.12 7.95 5.65
N PHE A 13 -2.24 7.55 5.08
CA PHE A 13 -2.66 6.15 5.10
C PHE A 13 -1.75 5.30 4.22
N LYS A 14 -0.73 4.71 4.84
CA LYS A 14 0.21 3.87 4.11
C LYS A 14 0.12 2.41 4.58
N CYS A 15 0.38 1.49 3.66
CA CYS A 15 0.32 0.06 3.98
C CYS A 15 1.59 -0.38 4.67
N SER A 16 1.46 -1.34 5.59
CA SER A 16 2.59 -1.86 6.33
C SER A 16 3.34 -2.90 5.52
N LYS A 17 2.61 -3.86 4.96
CA LYS A 17 3.21 -4.91 4.15
C LYS A 17 4.00 -4.32 2.99
N CYS A 18 3.28 -3.71 2.05
CA CYS A 18 3.91 -3.11 0.88
C CYS A 18 3.97 -1.58 1.02
N ASP A 19 4.35 -0.91 -0.06
CA ASP A 19 4.45 0.55 -0.06
C ASP A 19 3.24 1.16 -0.76
N ARG A 20 2.04 0.80 -0.30
CA ARG A 20 0.81 1.33 -0.88
C ARG A 20 0.26 2.47 -0.04
N VAL A 21 -0.56 3.31 -0.67
CA VAL A 21 -1.17 4.44 0.02
C VAL A 21 -2.64 4.59 -0.34
N PHE A 22 -3.41 5.21 0.55
CA PHE A 22 -4.83 5.42 0.33
C PHE A 22 -5.29 6.75 0.91
N THR A 23 -6.58 7.03 0.79
CA THR A 23 -7.14 8.27 1.29
C THR A 23 -8.00 8.02 2.53
N GLN A 24 -8.46 6.78 2.69
CA GLN A 24 -9.28 6.42 3.83
C GLN A 24 -8.75 5.15 4.50
N ARG A 25 -9.14 4.95 5.76
CA ARG A 25 -8.70 3.78 6.51
C ARG A 25 -9.45 2.53 6.07
N ASN A 26 -10.76 2.68 5.85
CA ASN A 26 -11.59 1.56 5.41
C ASN A 26 -11.02 0.91 4.16
N TYR A 27 -10.59 1.74 3.21
CA TYR A 27 -10.02 1.24 1.97
C TYR A 27 -8.67 0.58 2.20
N LEU A 28 -7.88 1.17 3.08
CA LEU A 28 -6.56 0.64 3.41
C LEU A 28 -6.67 -0.71 4.10
N VAL A 29 -7.62 -0.82 5.02
CA VAL A 29 -7.84 -2.06 5.75
C VAL A 29 -8.11 -3.22 4.80
N GLN A 30 -9.07 -3.03 3.91
CA GLN A 30 -9.44 -4.07 2.94
C GLN A 30 -8.21 -4.54 2.16
N HIS A 31 -7.24 -3.65 2.02
CA HIS A 31 -6.01 -3.97 1.29
C HIS A 31 -5.01 -4.67 2.21
N GLU A 32 -5.09 -4.39 3.51
CA GLU A 32 -4.19 -4.99 4.47
C GLU A 32 -4.60 -6.43 4.78
N ARG A 33 -5.89 -6.72 4.60
CA ARG A 33 -6.42 -8.05 4.85
C ARG A 33 -6.14 -8.97 3.68
N THR A 34 -6.09 -8.40 2.47
CA THR A 34 -5.82 -9.18 1.27
C THR A 34 -4.42 -9.77 1.28
N HIS A 35 -3.52 -9.12 2.02
CA HIS A 35 -2.14 -9.58 2.12
C HIS A 35 -2.07 -10.96 2.78
N ALA A 36 -2.02 -12.00 1.96
CA ALA A 36 -1.95 -13.37 2.46
C ALA A 36 -0.76 -14.12 1.88
N ARG A 37 0.33 -14.16 2.64
CA ARG A 37 1.54 -14.84 2.20
C ARG A 37 1.99 -14.30 0.84
N LYS A 38 2.22 -13.00 0.77
CA LYS A 38 2.67 -12.37 -0.47
C LYS A 38 4.10 -11.83 -0.33
N SER A 39 5.06 -12.72 -0.46
CA SER A 39 6.47 -12.35 -0.35
C SER A 39 7.29 -12.95 -1.49
N GLY A 40 7.06 -14.23 -1.76
CA GLY A 40 7.77 -14.91 -2.83
C GLY A 40 7.55 -14.26 -4.18
N PRO A 41 8.38 -14.64 -5.17
CA PRO A 41 8.28 -14.10 -6.52
C PRO A 41 7.02 -14.58 -7.25
N SER A 42 6.33 -13.65 -7.89
CA SER A 42 5.11 -13.98 -8.62
C SER A 42 5.08 -13.28 -9.98
N SER A 43 5.98 -13.68 -10.87
CA SER A 43 6.07 -13.09 -12.20
C SER A 43 6.02 -14.16 -13.27
N GLY A 44 7.02 -15.04 -13.27
CA GLY A 44 7.08 -16.10 -14.25
C GLY A 44 8.37 -16.89 -14.18
N GLY A 1 13.90 3.74 -15.85
CA GLY A 1 13.29 2.53 -15.35
C GLY A 1 12.13 2.81 -14.42
N SER A 2 11.49 3.97 -14.60
CA SER A 2 10.36 4.35 -13.76
C SER A 2 9.47 5.35 -14.49
N SER A 3 8.31 4.88 -14.93
CA SER A 3 7.36 5.73 -15.64
C SER A 3 6.36 6.36 -14.67
N GLY A 4 5.64 5.52 -13.94
CA GLY A 4 4.66 6.01 -13.00
C GLY A 4 3.50 5.05 -12.81
N SER A 5 2.54 5.45 -11.99
CA SER A 5 1.36 4.61 -11.73
C SER A 5 0.09 5.30 -12.23
N SER A 6 -1.06 4.71 -11.90
CA SER A 6 -2.34 5.25 -12.32
C SER A 6 -2.79 6.37 -11.38
N GLY A 7 -2.39 6.26 -10.12
CA GLY A 7 -2.76 7.27 -9.14
C GLY A 7 -1.59 7.71 -8.28
N ALA A 8 -1.10 8.92 -8.52
CA ALA A 8 0.03 9.46 -7.76
C ALA A 8 -0.46 10.35 -6.62
N GLY A 9 0.48 10.79 -5.80
CA GLY A 9 0.14 11.65 -4.67
C GLY A 9 0.78 11.21 -3.38
N GLU A 10 0.26 11.70 -2.26
CA GLU A 10 0.79 11.34 -0.95
C GLU A 10 -0.28 11.44 0.12
N ASN A 11 -0.37 10.42 0.96
CA ASN A 11 -1.35 10.38 2.03
C ASN A 11 -0.80 9.69 3.28
N PRO A 12 -1.42 9.94 4.43
CA PRO A 12 -1.01 9.35 5.70
C PRO A 12 -1.29 7.85 5.76
N PHE A 13 -2.42 7.43 5.19
CA PHE A 13 -2.79 6.03 5.19
C PHE A 13 -1.87 5.22 4.28
N LYS A 14 -0.84 4.64 4.89
CA LYS A 14 0.12 3.83 4.14
C LYS A 14 0.06 2.37 4.58
N CYS A 15 0.32 1.47 3.64
CA CYS A 15 0.30 0.03 3.93
C CYS A 15 1.60 -0.40 4.58
N SER A 16 1.50 -1.36 5.50
CA SER A 16 2.68 -1.87 6.21
C SER A 16 3.44 -2.87 5.35
N LYS A 17 2.70 -3.84 4.80
CA LYS A 17 3.31 -4.87 3.96
C LYS A 17 4.07 -4.23 2.80
N CYS A 18 3.34 -3.62 1.88
CA CYS A 18 3.96 -2.97 0.73
C CYS A 18 3.96 -1.45 0.89
N ASP A 19 4.33 -0.75 -0.18
CA ASP A 19 4.37 0.71 -0.16
C ASP A 19 3.14 1.30 -0.84
N ARG A 20 1.96 0.91 -0.35
CA ARG A 20 0.71 1.41 -0.92
C ARG A 20 0.13 2.52 -0.05
N VAL A 21 -0.70 3.37 -0.66
CA VAL A 21 -1.32 4.47 0.05
C VAL A 21 -2.79 4.61 -0.33
N PHE A 22 -3.57 5.18 0.58
CA PHE A 22 -5.00 5.37 0.34
C PHE A 22 -5.48 6.69 0.94
N THR A 23 -6.69 7.10 0.57
CA THR A 23 -7.27 8.35 1.06
C THR A 23 -8.24 8.08 2.20
N GLN A 24 -8.08 6.93 2.85
CA GLN A 24 -8.96 6.56 3.96
C GLN A 24 -8.43 5.32 4.68
N ARG A 25 -8.98 5.04 5.85
CA ARG A 25 -8.57 3.88 6.63
C ARG A 25 -9.29 2.62 6.18
N ASN A 26 -10.52 2.80 5.67
CA ASN A 26 -11.31 1.67 5.21
C ASN A 26 -10.68 1.03 3.97
N TYR A 27 -10.29 1.86 3.01
CA TYR A 27 -9.68 1.38 1.79
C TYR A 27 -8.33 0.72 2.07
N LEU A 28 -7.70 1.13 3.17
CA LEU A 28 -6.41 0.57 3.56
C LEU A 28 -6.57 -0.80 4.20
N VAL A 29 -7.53 -0.89 5.12
CA VAL A 29 -7.80 -2.16 5.81
C VAL A 29 -8.09 -3.28 4.81
N GLN A 30 -9.06 -3.04 3.93
CA GLN A 30 -9.44 -4.02 2.93
C GLN A 30 -8.22 -4.49 2.14
N HIS A 31 -7.23 -3.61 2.01
CA HIS A 31 -6.01 -3.93 1.28
C HIS A 31 -5.02 -4.68 2.17
N GLU A 32 -5.09 -4.41 3.47
CA GLU A 32 -4.19 -5.06 4.42
C GLU A 32 -4.65 -6.49 4.71
N ARG A 33 -5.96 -6.71 4.67
CA ARG A 33 -6.52 -8.03 4.92
C ARG A 33 -6.22 -8.97 3.76
N THR A 34 -6.13 -8.42 2.56
CA THR A 34 -5.86 -9.22 1.37
C THR A 34 -4.43 -9.77 1.39
N HIS A 35 -3.53 -9.04 2.05
CA HIS A 35 -2.14 -9.46 2.15
C HIS A 35 -2.02 -10.81 2.84
N ALA A 36 -1.89 -11.87 2.04
CA ALA A 36 -1.76 -13.22 2.57
C ALA A 36 -0.51 -13.90 2.06
N ARG A 37 -0.33 -13.88 0.75
CA ARG A 37 0.84 -14.51 0.13
C ARG A 37 1.67 -13.47 -0.63
N LYS A 38 2.95 -13.74 -0.78
CA LYS A 38 3.86 -12.83 -1.49
C LYS A 38 4.21 -13.38 -2.87
N SER A 39 3.19 -13.50 -3.72
CA SER A 39 3.39 -14.02 -5.08
C SER A 39 4.13 -13.01 -5.94
N GLY A 40 5.44 -13.20 -6.07
CA GLY A 40 6.25 -12.28 -6.87
C GLY A 40 6.39 -10.91 -6.23
N PRO A 41 7.22 -10.06 -6.84
CA PRO A 41 7.46 -8.70 -6.33
C PRO A 41 6.24 -7.80 -6.50
N SER A 42 6.14 -6.80 -5.63
CA SER A 42 5.02 -5.85 -5.67
C SER A 42 5.51 -4.46 -6.05
N SER A 43 4.55 -3.54 -6.21
CA SER A 43 4.87 -2.16 -6.57
C SER A 43 5.66 -1.47 -5.45
N GLY A 44 6.80 -0.90 -5.79
CA GLY A 44 7.62 -0.22 -4.81
C GLY A 44 8.42 0.91 -5.41
N GLY A 1 14.16 21.06 -6.05
CA GLY A 1 14.51 22.25 -5.27
C GLY A 1 15.53 21.95 -4.19
N SER A 2 15.08 21.98 -2.93
CA SER A 2 15.95 21.73 -1.80
C SER A 2 15.33 20.70 -0.86
N SER A 3 14.59 19.76 -1.43
CA SER A 3 13.93 18.72 -0.65
C SER A 3 13.82 17.42 -1.45
N GLY A 4 13.42 16.35 -0.77
CA GLY A 4 13.28 15.06 -1.43
C GLY A 4 11.84 14.80 -1.87
N SER A 5 11.16 15.84 -2.31
CA SER A 5 9.77 15.71 -2.75
C SER A 5 9.47 16.70 -3.86
N SER A 6 9.42 16.19 -5.10
CA SER A 6 9.14 17.03 -6.25
C SER A 6 7.66 17.03 -6.58
N GLY A 7 7.00 15.92 -6.29
CA GLY A 7 5.57 15.80 -6.55
C GLY A 7 4.72 16.21 -5.36
N ALA A 8 3.48 15.75 -5.34
CA ALA A 8 2.57 16.06 -4.25
C ALA A 8 1.43 15.05 -4.16
N GLY A 9 1.69 13.84 -4.65
CA GLY A 9 0.68 12.80 -4.62
C GLY A 9 0.97 11.74 -3.57
N GLU A 10 0.73 12.09 -2.31
CA GLU A 10 0.97 11.17 -1.21
C GLU A 10 -0.13 11.29 -0.14
N ASN A 11 -0.12 10.38 0.82
CA ASN A 11 -1.11 10.39 1.89
C ASN A 11 -0.56 9.71 3.14
N PRO A 12 -1.19 9.99 4.29
CA PRO A 12 -0.78 9.42 5.58
C PRO A 12 -1.08 7.93 5.67
N PHE A 13 -2.23 7.53 5.11
CA PHE A 13 -2.63 6.13 5.13
C PHE A 13 -1.73 5.29 4.24
N LYS A 14 -0.71 4.68 4.84
CA LYS A 14 0.23 3.85 4.11
C LYS A 14 0.12 2.39 4.55
N CYS A 15 0.41 1.48 3.63
CA CYS A 15 0.34 0.06 3.92
C CYS A 15 1.62 -0.42 4.60
N SER A 16 1.48 -1.37 5.52
CA SER A 16 2.62 -1.92 6.24
C SER A 16 3.36 -2.95 5.41
N LYS A 17 2.62 -3.89 4.85
CA LYS A 17 3.20 -4.94 4.02
C LYS A 17 4.01 -4.34 2.88
N CYS A 18 3.31 -3.70 1.93
CA CYS A 18 3.96 -3.08 0.79
C CYS A 18 3.99 -1.56 0.94
N ASP A 19 4.38 -0.88 -0.13
CA ASP A 19 4.45 0.57 -0.12
C ASP A 19 3.22 1.19 -0.81
N ARG A 20 2.04 0.82 -0.32
CA ARG A 20 0.79 1.33 -0.88
C ARG A 20 0.25 2.48 -0.04
N VAL A 21 -0.59 3.30 -0.65
CA VAL A 21 -1.19 4.44 0.05
C VAL A 21 -2.66 4.59 -0.31
N PHE A 22 -3.43 5.20 0.59
CA PHE A 22 -4.85 5.41 0.38
C PHE A 22 -5.31 6.75 0.96
N THR A 23 -6.60 7.01 0.87
CA THR A 23 -7.16 8.25 1.40
C THR A 23 -8.02 7.99 2.63
N GLN A 24 -8.49 6.76 2.77
CA GLN A 24 -9.31 6.39 3.91
C GLN A 24 -8.82 5.09 4.55
N ARG A 25 -9.22 4.85 5.79
CA ARG A 25 -8.81 3.65 6.51
C ARG A 25 -9.60 2.43 6.03
N ASN A 26 -10.89 2.63 5.78
CA ASN A 26 -11.75 1.55 5.33
C ASN A 26 -11.21 0.93 4.04
N TYR A 27 -10.55 1.75 3.23
CA TYR A 27 -9.99 1.28 1.97
C TYR A 27 -8.62 0.62 2.20
N LEU A 28 -7.85 1.18 3.10
CA LEU A 28 -6.53 0.65 3.42
C LEU A 28 -6.64 -0.72 4.10
N VAL A 29 -7.57 -0.83 5.03
CA VAL A 29 -7.78 -2.08 5.75
C VAL A 29 -8.06 -3.23 4.80
N GLN A 30 -9.04 -3.03 3.91
CA GLN A 30 -9.42 -4.05 2.94
C GLN A 30 -8.19 -4.52 2.15
N HIS A 31 -7.22 -3.63 2.00
CA HIS A 31 -6.00 -3.94 1.26
C HIS A 31 -5.01 -4.67 2.16
N GLU A 32 -5.05 -4.38 3.45
CA GLU A 32 -4.14 -5.00 4.41
C GLU A 32 -4.58 -6.43 4.71
N ARG A 33 -5.88 -6.67 4.65
CA ARG A 33 -6.43 -8.00 4.91
C ARG A 33 -6.14 -8.95 3.76
N THR A 34 -6.13 -8.41 2.54
CA THR A 34 -5.87 -9.21 1.34
C THR A 34 -4.46 -9.76 1.36
N HIS A 35 -3.55 -9.08 2.07
CA HIS A 35 -2.17 -9.52 2.16
C HIS A 35 -2.06 -10.87 2.85
N ALA A 36 -2.05 -11.93 2.05
CA ALA A 36 -1.94 -13.28 2.57
C ALA A 36 -0.67 -13.97 2.10
N ARG A 37 0.47 -13.33 2.35
CA ARG A 37 1.76 -13.87 1.94
C ARG A 37 2.05 -15.19 2.65
N LYS A 38 2.31 -16.24 1.88
CA LYS A 38 2.61 -17.55 2.45
C LYS A 38 1.49 -18.00 3.39
N SER A 39 0.47 -18.66 2.83
CA SER A 39 -0.65 -19.14 3.62
C SER A 39 -0.69 -20.67 3.64
N GLY A 40 -0.07 -21.26 4.64
CA GLY A 40 -0.05 -22.71 4.76
C GLY A 40 0.83 -23.19 5.89
N PRO A 41 0.37 -22.97 7.14
CA PRO A 41 1.10 -23.37 8.33
C PRO A 41 1.12 -24.89 8.51
N SER A 42 2.31 -25.47 8.40
CA SER A 42 2.48 -26.92 8.54
C SER A 42 2.37 -27.34 10.00
N SER A 43 3.38 -26.99 10.79
CA SER A 43 3.40 -27.34 12.20
C SER A 43 2.36 -26.53 12.98
N GLY A 44 1.47 -27.24 13.67
CA GLY A 44 0.43 -26.57 14.44
C GLY A 44 -0.84 -26.36 13.64
N GLY A 1 20.98 4.74 -15.54
CA GLY A 1 20.57 6.12 -15.45
C GLY A 1 19.07 6.29 -15.52
N SER A 2 18.47 6.84 -14.47
CA SER A 2 17.04 7.06 -14.42
C SER A 2 16.71 8.48 -13.96
N SER A 3 16.36 9.33 -14.92
CA SER A 3 16.03 10.72 -14.62
C SER A 3 14.93 11.23 -15.55
N GLY A 4 13.69 11.22 -15.07
CA GLY A 4 12.58 11.68 -15.87
C GLY A 4 11.61 12.53 -15.07
N SER A 5 10.77 11.87 -14.28
CA SER A 5 9.78 12.57 -13.47
C SER A 5 9.94 12.22 -11.99
N SER A 6 9.33 13.03 -11.13
CA SER A 6 9.41 12.80 -9.69
C SER A 6 8.15 12.10 -9.18
N GLY A 7 7.04 12.31 -9.89
CA GLY A 7 5.79 11.68 -9.50
C GLY A 7 4.96 12.58 -8.60
N ALA A 8 3.85 12.05 -8.10
CA ALA A 8 2.96 12.81 -7.22
C ALA A 8 1.94 11.90 -6.55
N GLY A 9 1.29 12.41 -5.51
CA GLY A 9 0.30 11.63 -4.79
C GLY A 9 0.84 11.05 -3.50
N GLU A 10 0.66 11.78 -2.40
CA GLU A 10 1.13 11.33 -1.10
C GLU A 10 0.04 11.46 -0.04
N ASN A 11 -0.12 10.43 0.77
CA ASN A 11 -1.13 10.42 1.82
C ASN A 11 -0.60 9.75 3.08
N PRO A 12 -1.25 10.04 4.22
CA PRO A 12 -0.86 9.48 5.51
C PRO A 12 -1.15 7.99 5.61
N PHE A 13 -2.27 7.57 5.04
CA PHE A 13 -2.67 6.16 5.06
C PHE A 13 -1.75 5.33 4.18
N LYS A 14 -0.75 4.71 4.80
CA LYS A 14 0.21 3.88 4.08
C LYS A 14 0.15 2.44 4.56
N CYS A 15 0.35 1.51 3.64
CA CYS A 15 0.33 0.08 3.97
C CYS A 15 1.62 -0.34 4.66
N SER A 16 1.51 -1.27 5.60
CA SER A 16 2.67 -1.77 6.33
C SER A 16 3.43 -2.81 5.51
N LYS A 17 2.70 -3.79 4.98
CA LYS A 17 3.30 -4.84 4.18
C LYS A 17 4.07 -4.25 3.00
N CYS A 18 3.35 -3.65 2.06
CA CYS A 18 3.96 -3.06 0.89
C CYS A 18 4.01 -1.53 1.01
N ASP A 19 4.38 -0.87 -0.07
CA ASP A 19 4.47 0.59 -0.07
C ASP A 19 3.26 1.20 -0.76
N ARG A 20 2.07 0.83 -0.32
CA ARG A 20 0.83 1.33 -0.90
C ARG A 20 0.28 2.49 -0.05
N VAL A 21 -0.54 3.32 -0.68
CA VAL A 21 -1.14 4.46 0.00
C VAL A 21 -2.62 4.59 -0.35
N PHE A 22 -3.38 5.21 0.55
CA PHE A 22 -4.81 5.40 0.34
C PHE A 22 -5.27 6.74 0.91
N THR A 23 -6.57 7.00 0.84
CA THR A 23 -7.13 8.24 1.34
C THR A 23 -8.01 7.99 2.57
N GLN A 24 -8.48 6.76 2.71
CA GLN A 24 -9.33 6.38 3.84
C GLN A 24 -8.83 5.10 4.49
N ARG A 25 -9.23 4.89 5.74
CA ARG A 25 -8.83 3.70 6.49
C ARG A 25 -9.61 2.48 6.02
N ASN A 26 -10.90 2.66 5.76
CA ASN A 26 -11.76 1.58 5.32
C ASN A 26 -11.20 0.92 4.06
N TYR A 27 -10.55 1.73 3.22
CA TYR A 27 -9.97 1.23 1.98
C TYR A 27 -8.62 0.57 2.24
N LEU A 28 -7.83 1.17 3.12
CA LEU A 28 -6.51 0.65 3.45
C LEU A 28 -6.63 -0.70 4.15
N VAL A 29 -7.58 -0.81 5.08
CA VAL A 29 -7.80 -2.04 5.82
C VAL A 29 -8.08 -3.20 4.87
N GLN A 30 -9.04 -3.00 3.97
CA GLN A 30 -9.42 -4.03 3.01
C GLN A 30 -8.20 -4.51 2.23
N HIS A 31 -7.21 -3.65 2.09
CA HIS A 31 -5.99 -3.99 1.36
C HIS A 31 -5.00 -4.72 2.27
N GLU A 32 -5.09 -4.44 3.57
CA GLU A 32 -4.20 -5.06 4.54
C GLU A 32 -4.61 -6.51 4.80
N ARG A 33 -5.90 -6.79 4.60
CA ARG A 33 -6.43 -8.13 4.81
C ARG A 33 -6.17 -9.02 3.60
N THR A 34 -6.12 -8.40 2.43
CA THR A 34 -5.87 -9.14 1.19
C THR A 34 -4.46 -9.71 1.15
N HIS A 35 -3.55 -9.08 1.89
CA HIS A 35 -2.16 -9.52 1.95
C HIS A 35 -2.07 -10.91 2.56
N ALA A 36 -2.02 -11.93 1.70
CA ALA A 36 -1.92 -13.31 2.16
C ALA A 36 -0.79 -14.05 1.44
N ARG A 37 0.44 -13.61 1.68
CA ARG A 37 1.60 -14.22 1.06
C ARG A 37 2.62 -14.66 2.11
N LYS A 38 2.67 -15.96 2.39
CA LYS A 38 3.59 -16.50 3.37
C LYS A 38 4.89 -16.95 2.72
N SER A 39 5.93 -16.13 2.86
CA SER A 39 7.24 -16.43 2.28
C SER A 39 8.32 -16.43 3.35
N GLY A 40 9.10 -17.50 3.38
CA GLY A 40 10.18 -17.61 4.36
C GLY A 40 9.66 -17.96 5.74
N PRO A 41 10.53 -17.82 6.76
CA PRO A 41 10.18 -18.12 8.15
C PRO A 41 9.19 -17.12 8.73
N SER A 42 9.28 -15.87 8.28
CA SER A 42 8.39 -14.82 8.76
C SER A 42 8.55 -14.62 10.26
N SER A 43 9.79 -14.54 10.72
CA SER A 43 10.07 -14.35 12.14
C SER A 43 11.35 -13.54 12.34
N GLY A 44 11.62 -13.18 13.59
CA GLY A 44 12.82 -12.41 13.89
C GLY A 44 12.93 -12.06 15.36
N GLY A 1 5.55 2.02 -5.66
CA GLY A 1 5.23 0.83 -4.88
C GLY A 1 4.36 -0.15 -5.64
N SER A 2 4.61 -0.26 -6.95
CA SER A 2 3.83 -1.17 -7.80
C SER A 2 4.49 -1.33 -9.15
N SER A 3 4.86 -0.20 -9.76
CA SER A 3 5.50 -0.21 -11.08
C SER A 3 6.56 0.87 -11.17
N GLY A 4 6.15 2.13 -11.04
CA GLY A 4 7.08 3.23 -11.10
C GLY A 4 6.41 4.54 -11.49
N SER A 5 5.95 5.28 -10.50
CA SER A 5 5.27 6.56 -10.73
C SER A 5 6.25 7.72 -10.60
N SER A 6 5.86 8.87 -11.13
CA SER A 6 6.70 10.06 -11.08
C SER A 6 6.44 10.86 -9.80
N GLY A 7 5.21 10.77 -9.30
CA GLY A 7 4.85 11.49 -8.10
C GLY A 7 3.46 12.08 -8.17
N ALA A 8 2.68 11.88 -7.10
CA ALA A 8 1.32 12.41 -7.05
C ALA A 8 0.85 12.57 -5.60
N GLY A 9 1.70 13.17 -4.78
CA GLY A 9 1.35 13.38 -3.38
C GLY A 9 1.45 12.11 -2.56
N GLU A 10 1.70 12.26 -1.27
CA GLU A 10 1.82 11.10 -0.38
C GLU A 10 0.86 11.22 0.80
N ASN A 11 -0.13 10.33 0.83
CA ASN A 11 -1.12 10.35 1.91
C ASN A 11 -0.57 9.67 3.15
N PRO A 12 -1.19 9.95 4.30
CA PRO A 12 -0.79 9.37 5.59
C PRO A 12 -1.10 7.89 5.68
N PHE A 13 -2.23 7.48 5.13
CA PHE A 13 -2.65 6.09 5.15
C PHE A 13 -1.74 5.24 4.25
N LYS A 14 -0.73 4.62 4.85
CA LYS A 14 0.20 3.78 4.12
C LYS A 14 0.09 2.33 4.54
N CYS A 15 0.37 1.42 3.62
CA CYS A 15 0.30 -0.01 3.90
C CYS A 15 1.58 -0.50 4.58
N SER A 16 1.43 -1.45 5.49
CA SER A 16 2.57 -2.00 6.21
C SER A 16 3.31 -3.03 5.38
N LYS A 17 2.57 -3.97 4.81
CA LYS A 17 3.14 -5.01 3.98
C LYS A 17 3.95 -4.41 2.83
N CYS A 18 3.26 -3.77 1.90
CA CYS A 18 3.91 -3.14 0.76
C CYS A 18 3.95 -1.63 0.91
N ASP A 19 4.33 -0.94 -0.16
CA ASP A 19 4.41 0.52 -0.15
C ASP A 19 3.19 1.13 -0.81
N ARG A 20 2.00 0.77 -0.33
CA ARG A 20 0.76 1.28 -0.88
C ARG A 20 0.22 2.43 -0.04
N VAL A 21 -0.64 3.25 -0.64
CA VAL A 21 -1.22 4.40 0.06
C VAL A 21 -2.69 4.55 -0.29
N PHE A 22 -3.46 5.16 0.61
CA PHE A 22 -4.88 5.38 0.40
C PHE A 22 -5.32 6.72 0.99
N THR A 23 -6.61 7.02 0.87
CA THR A 23 -7.16 8.26 1.39
C THR A 23 -8.00 8.01 2.63
N GLN A 24 -8.47 6.78 2.80
CA GLN A 24 -9.27 6.42 3.95
C GLN A 24 -8.77 5.12 4.59
N ARG A 25 -9.21 4.86 5.81
CA ARG A 25 -8.81 3.66 6.52
C ARG A 25 -9.60 2.44 6.04
N ASN A 26 -10.88 2.66 5.75
CA ASN A 26 -11.75 1.59 5.27
C ASN A 26 -11.23 0.99 3.97
N TYR A 27 -10.53 1.82 3.19
CA TYR A 27 -9.97 1.37 1.91
C TYR A 27 -8.62 0.70 2.12
N LEU A 28 -7.87 1.19 3.10
CA LEU A 28 -6.55 0.63 3.40
C LEU A 28 -6.67 -0.73 4.08
N VAL A 29 -7.55 -0.82 5.07
CA VAL A 29 -7.77 -2.06 5.79
C VAL A 29 -8.07 -3.22 4.83
N GLN A 30 -9.05 -3.00 3.96
CA GLN A 30 -9.44 -4.02 2.98
C GLN A 30 -8.23 -4.50 2.18
N HIS A 31 -7.24 -3.62 2.04
CA HIS A 31 -6.02 -3.96 1.29
C HIS A 31 -5.01 -4.63 2.20
N GLU A 32 -5.06 -4.31 3.49
CA GLU A 32 -4.14 -4.88 4.47
C GLU A 32 -4.51 -6.33 4.78
N ARG A 33 -5.79 -6.65 4.61
CA ARG A 33 -6.27 -8.01 4.88
C ARG A 33 -5.98 -8.93 3.71
N THR A 34 -6.06 -8.38 2.49
CA THR A 34 -5.80 -9.16 1.28
C THR A 34 -4.39 -9.77 1.31
N HIS A 35 -3.50 -9.12 2.04
CA HIS A 35 -2.12 -9.60 2.15
C HIS A 35 -2.06 -10.94 2.88
N ALA A 36 -2.16 -12.03 2.13
CA ALA A 36 -2.11 -13.36 2.70
C ALA A 36 -1.16 -14.26 1.92
N ARG A 37 -0.34 -15.02 2.65
CA ARG A 37 0.62 -15.92 2.02
C ARG A 37 -0.09 -17.03 1.26
N LYS A 38 -0.85 -17.85 1.99
CA LYS A 38 -1.59 -18.95 1.36
C LYS A 38 -0.65 -19.86 0.59
N SER A 39 -0.15 -20.90 1.26
CA SER A 39 0.76 -21.85 0.63
C SER A 39 0.08 -23.20 0.41
N GLY A 40 -0.25 -23.48 -0.84
CA GLY A 40 -0.90 -24.74 -1.17
C GLY A 40 -1.24 -24.86 -2.64
N PRO A 41 -2.24 -24.09 -3.09
CA PRO A 41 -2.68 -24.09 -4.48
C PRO A 41 -1.64 -23.46 -5.42
N SER A 42 -0.73 -22.68 -4.85
CA SER A 42 0.30 -22.02 -5.64
C SER A 42 -0.30 -21.18 -6.75
N SER A 43 -1.42 -20.53 -6.45
CA SER A 43 -2.11 -19.70 -7.44
C SER A 43 -2.17 -18.24 -6.98
N GLY A 44 -1.43 -17.38 -7.67
CA GLY A 44 -1.42 -15.97 -7.31
C GLY A 44 -1.01 -15.09 -8.48
N GLY A 1 5.74 0.89 -11.93
CA GLY A 1 6.48 0.74 -13.17
C GLY A 1 5.82 1.43 -14.33
N SER A 2 4.99 2.44 -14.03
CA SER A 2 4.29 3.18 -15.07
C SER A 2 4.47 4.69 -14.87
N SER A 3 4.99 5.36 -15.89
CA SER A 3 5.21 6.79 -15.84
C SER A 3 3.89 7.54 -15.62
N GLY A 4 3.60 7.86 -14.36
CA GLY A 4 2.37 8.57 -14.04
C GLY A 4 2.31 8.99 -12.58
N SER A 5 1.13 8.86 -11.99
CA SER A 5 0.94 9.22 -10.59
C SER A 5 1.59 8.21 -9.66
N SER A 6 2.91 8.32 -9.51
CA SER A 6 3.66 7.40 -8.65
C SER A 6 3.64 7.88 -7.20
N GLY A 7 3.64 9.20 -7.02
CA GLY A 7 3.63 9.76 -5.69
C GLY A 7 3.35 11.25 -5.70
N ALA A 8 2.13 11.64 -6.05
CA ALA A 8 1.75 13.04 -6.10
C ALA A 8 0.78 13.38 -4.96
N GLY A 9 1.30 13.38 -3.74
CA GLY A 9 0.46 13.69 -2.59
C GLY A 9 0.99 13.06 -1.31
N GLU A 10 1.39 11.79 -1.40
CA GLU A 10 1.90 11.07 -0.24
C GLU A 10 0.93 11.16 0.93
N ASN A 11 -0.14 10.38 0.86
CA ASN A 11 -1.15 10.37 1.92
C ASN A 11 -0.61 9.69 3.17
N PRO A 12 -1.26 9.97 4.31
CA PRO A 12 -0.86 9.39 5.61
C PRO A 12 -1.15 7.90 5.69
N PHE A 13 -2.28 7.48 5.13
CA PHE A 13 -2.67 6.08 5.14
C PHE A 13 -1.75 5.25 4.25
N LYS A 14 -0.76 4.62 4.85
CA LYS A 14 0.19 3.80 4.11
C LYS A 14 0.11 2.34 4.55
N CYS A 15 0.38 1.43 3.62
CA CYS A 15 0.33 0.00 3.91
C CYS A 15 1.62 -0.45 4.59
N SER A 16 1.48 -1.41 5.50
CA SER A 16 2.63 -1.93 6.24
C SER A 16 3.39 -2.97 5.39
N LYS A 17 2.66 -3.93 4.83
CA LYS A 17 3.25 -4.96 4.00
C LYS A 17 4.04 -4.35 2.85
N CYS A 18 3.33 -3.72 1.92
CA CYS A 18 3.96 -3.09 0.77
C CYS A 18 3.99 -1.57 0.92
N ASP A 19 4.36 -0.88 -0.15
CA ASP A 19 4.44 0.57 -0.12
C ASP A 19 3.21 1.18 -0.80
N ARG A 20 2.03 0.79 -0.32
CA ARG A 20 0.78 1.30 -0.87
C ARG A 20 0.23 2.45 -0.04
N VAL A 21 -0.61 3.28 -0.65
CA VAL A 21 -1.20 4.42 0.04
C VAL A 21 -2.68 4.57 -0.31
N PHE A 22 -3.43 5.18 0.60
CA PHE A 22 -4.86 5.38 0.39
C PHE A 22 -5.30 6.73 0.97
N THR A 23 -6.60 7.01 0.87
CA THR A 23 -7.16 8.25 1.38
C THR A 23 -7.99 8.01 2.64
N GLN A 24 -8.46 6.77 2.80
CA GLN A 24 -9.27 6.41 3.95
C GLN A 24 -8.76 5.12 4.59
N ARG A 25 -9.18 4.88 5.82
CA ARG A 25 -8.76 3.67 6.54
C ARG A 25 -9.56 2.46 6.07
N ASN A 26 -10.84 2.66 5.81
CA ASN A 26 -11.72 1.58 5.36
C ASN A 26 -11.18 0.97 4.07
N TYR A 27 -10.57 1.79 3.23
CA TYR A 27 -10.01 1.34 1.96
C TYR A 27 -8.68 0.65 2.17
N LEU A 28 -7.88 1.20 3.08
CA LEU A 28 -6.56 0.64 3.38
C LEU A 28 -6.68 -0.73 4.04
N VAL A 29 -7.56 -0.82 5.03
CA VAL A 29 -7.77 -2.08 5.74
C VAL A 29 -8.07 -3.21 4.77
N GLN A 30 -9.04 -3.00 3.89
CA GLN A 30 -9.42 -4.00 2.90
C GLN A 30 -8.20 -4.49 2.13
N HIS A 31 -7.21 -3.62 1.99
CA HIS A 31 -5.99 -3.97 1.27
C HIS A 31 -4.98 -4.65 2.20
N GLU A 32 -5.05 -4.33 3.48
CA GLU A 32 -4.15 -4.91 4.47
C GLU A 32 -4.54 -6.34 4.78
N ARG A 33 -5.83 -6.64 4.63
CA ARG A 33 -6.34 -7.98 4.89
C ARG A 33 -6.03 -8.92 3.74
N THR A 34 -6.10 -8.41 2.51
CA THR A 34 -5.84 -9.20 1.33
C THR A 34 -4.44 -9.81 1.38
N HIS A 35 -3.54 -9.16 2.12
CA HIS A 35 -2.16 -9.63 2.25
C HIS A 35 -2.12 -10.97 2.99
N ALA A 36 -2.21 -12.06 2.24
CA ALA A 36 -2.16 -13.38 2.83
C ALA A 36 -1.24 -14.31 2.04
N ARG A 37 -1.56 -14.51 0.77
CA ARG A 37 -0.76 -15.37 -0.10
C ARG A 37 0.05 -14.54 -1.08
N LYS A 38 0.60 -13.43 -0.60
CA LYS A 38 1.40 -12.55 -1.45
C LYS A 38 2.37 -11.73 -0.60
N SER A 39 2.85 -12.31 0.49
CA SER A 39 3.78 -11.65 1.39
C SER A 39 5.23 -11.99 1.03
N GLY A 40 5.89 -11.08 0.32
CA GLY A 40 7.27 -11.31 -0.07
C GLY A 40 8.14 -10.08 0.13
N PRO A 41 9.46 -10.28 0.07
CA PRO A 41 10.44 -9.18 0.24
C PRO A 41 10.42 -8.21 -0.93
N SER A 42 10.33 -6.92 -0.62
CA SER A 42 10.30 -5.88 -1.64
C SER A 42 11.67 -5.21 -1.77
N SER A 43 12.32 -5.43 -2.91
CA SER A 43 13.63 -4.85 -3.16
C SER A 43 13.51 -3.46 -3.78
N GLY A 44 14.36 -2.55 -3.33
CA GLY A 44 14.33 -1.19 -3.85
C GLY A 44 13.57 -0.24 -2.94
N GLY A 1 7.12 8.56 -10.36
CA GLY A 1 7.81 9.12 -11.50
C GLY A 1 7.10 10.36 -12.04
N SER A 2 5.79 10.27 -12.20
CA SER A 2 5.00 11.39 -12.71
C SER A 2 5.26 12.65 -11.88
N SER A 3 5.70 13.70 -12.55
CA SER A 3 5.97 14.97 -11.87
C SER A 3 4.90 16.01 -12.21
N GLY A 4 3.71 15.82 -11.64
CA GLY A 4 2.62 16.74 -11.89
C GLY A 4 2.75 18.02 -11.09
N SER A 5 2.14 19.09 -11.58
CA SER A 5 2.20 20.39 -10.91
C SER A 5 0.90 20.67 -10.15
N SER A 6 0.38 19.64 -9.50
CA SER A 6 -0.86 19.77 -8.74
C SER A 6 -0.57 20.00 -7.26
N GLY A 7 0.56 19.47 -6.80
CA GLY A 7 0.94 19.63 -5.41
C GLY A 7 1.75 18.46 -4.89
N ALA A 8 1.07 17.40 -4.45
CA ALA A 8 1.75 16.22 -3.94
C ALA A 8 0.83 15.00 -3.97
N GLY A 9 1.31 13.91 -4.55
CA GLY A 9 0.52 12.70 -4.64
C GLY A 9 0.84 11.72 -3.53
N GLU A 10 0.62 12.11 -2.29
CA GLU A 10 0.89 11.27 -1.14
C GLU A 10 -0.25 11.33 -0.12
N ASN A 11 -0.20 10.45 0.87
CA ASN A 11 -1.22 10.42 1.91
C ASN A 11 -0.69 9.74 3.18
N PRO A 12 -1.35 10.00 4.31
CA PRO A 12 -0.97 9.43 5.61
C PRO A 12 -1.22 7.93 5.67
N PHE A 13 -2.34 7.50 5.11
CA PHE A 13 -2.71 6.08 5.11
C PHE A 13 -1.76 5.28 4.21
N LYS A 14 -0.77 4.63 4.83
CA LYS A 14 0.19 3.83 4.09
C LYS A 14 0.17 2.38 4.56
N CYS A 15 0.31 1.45 3.61
CA CYS A 15 0.31 0.03 3.92
C CYS A 15 1.61 -0.39 4.60
N SER A 16 1.52 -1.34 5.52
CA SER A 16 2.69 -1.82 6.24
C SER A 16 3.46 -2.83 5.41
N LYS A 17 2.74 -3.82 4.87
CA LYS A 17 3.35 -4.86 4.05
C LYS A 17 4.11 -4.25 2.88
N CYS A 18 3.37 -3.66 1.95
CA CYS A 18 3.95 -3.03 0.78
C CYS A 18 4.00 -1.51 0.92
N ASP A 19 4.36 -0.83 -0.15
CA ASP A 19 4.44 0.63 -0.13
C ASP A 19 3.21 1.25 -0.81
N ARG A 20 2.04 0.84 -0.36
CA ARG A 20 0.78 1.34 -0.91
C ARG A 20 0.24 2.49 -0.07
N VAL A 21 -0.59 3.33 -0.67
CA VAL A 21 -1.18 4.46 0.01
C VAL A 21 -2.66 4.59 -0.31
N PHE A 22 -3.41 5.21 0.60
CA PHE A 22 -4.85 5.40 0.42
C PHE A 22 -5.29 6.74 0.99
N THR A 23 -6.59 7.00 0.91
CA THR A 23 -7.16 8.25 1.43
C THR A 23 -7.99 8.01 2.68
N GLN A 24 -8.45 6.77 2.85
CA GLN A 24 -9.26 6.41 4.00
C GLN A 24 -8.77 5.11 4.63
N ARG A 25 -9.23 4.84 5.85
CA ARG A 25 -8.82 3.63 6.56
C ARG A 25 -9.60 2.42 6.07
N ASN A 26 -10.87 2.63 5.74
CA ASN A 26 -11.73 1.55 5.25
C ASN A 26 -11.18 0.97 3.95
N TYR A 27 -10.50 1.82 3.17
CA TYR A 27 -9.93 1.39 1.90
C TYR A 27 -8.57 0.71 2.11
N LEU A 28 -7.84 1.17 3.13
CA LEU A 28 -6.54 0.62 3.43
C LEU A 28 -6.67 -0.75 4.09
N VAL A 29 -7.52 -0.82 5.11
CA VAL A 29 -7.75 -2.08 5.83
C VAL A 29 -8.06 -3.21 4.86
N GLN A 30 -9.02 -2.98 3.98
CA GLN A 30 -9.42 -3.99 3.00
C GLN A 30 -8.21 -4.49 2.22
N HIS A 31 -7.20 -3.64 2.08
CA HIS A 31 -5.99 -4.01 1.36
C HIS A 31 -5.00 -4.71 2.27
N GLU A 32 -5.06 -4.39 3.56
CA GLU A 32 -4.17 -5.00 4.54
C GLU A 32 -4.57 -6.44 4.83
N ARG A 33 -5.85 -6.75 4.63
CA ARG A 33 -6.37 -8.08 4.86
C ARG A 33 -6.10 -8.99 3.66
N THR A 34 -6.13 -8.40 2.47
CA THR A 34 -5.89 -9.15 1.25
C THR A 34 -4.49 -9.75 1.22
N HIS A 35 -3.57 -9.11 1.95
CA HIS A 35 -2.19 -9.58 2.01
C HIS A 35 -2.12 -10.96 2.66
N ALA A 36 -2.13 -11.99 1.82
CA ALA A 36 -2.05 -13.37 2.31
C ALA A 36 -1.01 -14.17 1.54
N ARG A 37 -1.22 -14.29 0.23
CA ARG A 37 -0.29 -15.03 -0.63
C ARG A 37 0.72 -14.10 -1.27
N LYS A 38 1.61 -14.66 -2.09
CA LYS A 38 2.62 -13.88 -2.77
C LYS A 38 2.47 -13.98 -4.28
N SER A 39 2.36 -12.82 -4.93
CA SER A 39 2.21 -12.77 -6.38
C SER A 39 3.55 -12.55 -7.07
N GLY A 40 3.58 -12.77 -8.38
CA GLY A 40 4.80 -12.58 -9.13
C GLY A 40 4.64 -12.95 -10.60
N PRO A 41 5.67 -12.65 -11.40
CA PRO A 41 5.67 -12.95 -12.84
C PRO A 41 5.75 -14.44 -13.13
N SER A 42 6.68 -15.11 -12.46
CA SER A 42 6.86 -16.54 -12.64
C SER A 42 7.27 -17.21 -11.33
N SER A 43 6.59 -18.31 -11.00
CA SER A 43 6.88 -19.04 -9.77
C SER A 43 7.15 -20.51 -10.06
N GLY A 44 7.64 -21.23 -9.06
CA GLY A 44 7.93 -22.63 -9.23
C GLY A 44 8.28 -23.32 -7.92
N GLY A 1 8.19 17.79 -12.96
CA GLY A 1 8.17 18.26 -11.59
C GLY A 1 9.26 17.63 -10.76
N SER A 2 8.98 16.46 -10.17
CA SER A 2 9.95 15.76 -9.34
C SER A 2 10.50 16.69 -8.26
N SER A 3 9.62 17.38 -7.57
CA SER A 3 10.01 18.30 -6.51
C SER A 3 8.79 18.91 -5.83
N GLY A 4 8.93 19.25 -4.55
CA GLY A 4 7.84 19.84 -3.81
C GLY A 4 8.16 20.01 -2.33
N SER A 5 7.26 20.66 -1.61
CA SER A 5 7.46 20.89 -0.18
C SER A 5 7.24 19.60 0.61
N SER A 6 6.00 19.13 0.64
CA SER A 6 5.65 17.91 1.36
C SER A 6 5.07 16.86 0.41
N GLY A 7 5.45 16.95 -0.86
CA GLY A 7 4.95 16.00 -1.84
C GLY A 7 3.60 16.41 -2.41
N ALA A 8 3.41 16.20 -3.70
CA ALA A 8 2.16 16.55 -4.36
C ALA A 8 1.46 15.29 -4.88
N GLY A 9 0.96 14.47 -3.96
CA GLY A 9 0.27 13.25 -4.35
C GLY A 9 0.56 12.10 -3.41
N GLU A 10 0.30 12.31 -2.12
CA GLU A 10 0.53 11.28 -1.12
C GLU A 10 -0.50 11.36 0.00
N ASN A 11 -0.44 10.41 0.94
CA ASN A 11 -1.37 10.38 2.06
C ASN A 11 -0.75 9.68 3.25
N PRO A 12 -1.31 9.92 4.45
CA PRO A 12 -0.82 9.32 5.69
C PRO A 12 -1.11 7.82 5.77
N PHE A 13 -2.26 7.42 5.22
CA PHE A 13 -2.65 6.01 5.23
C PHE A 13 -1.75 5.20 4.30
N LYS A 14 -0.65 4.69 4.85
CA LYS A 14 0.29 3.89 4.07
C LYS A 14 0.33 2.46 4.58
N CYS A 15 0.24 1.51 3.65
CA CYS A 15 0.26 0.09 4.01
C CYS A 15 1.60 -0.30 4.61
N SER A 16 1.57 -1.25 5.53
CA SER A 16 2.79 -1.71 6.20
C SER A 16 3.46 -2.83 5.40
N LYS A 17 2.64 -3.69 4.80
CA LYS A 17 3.14 -4.80 4.01
C LYS A 17 3.91 -4.30 2.79
N CYS A 18 3.26 -3.45 1.99
CA CYS A 18 3.89 -2.90 0.80
C CYS A 18 3.91 -1.37 0.86
N ASP A 19 4.32 -0.75 -0.24
CA ASP A 19 4.39 0.70 -0.32
C ASP A 19 3.15 1.27 -1.00
N ARG A 20 1.98 1.00 -0.43
CA ARG A 20 0.72 1.47 -0.99
C ARG A 20 0.11 2.55 -0.09
N VAL A 21 -0.67 3.44 -0.69
CA VAL A 21 -1.32 4.52 0.04
C VAL A 21 -2.79 4.63 -0.33
N PHE A 22 -3.60 5.16 0.59
CA PHE A 22 -5.02 5.32 0.36
C PHE A 22 -5.52 6.64 0.95
N THR A 23 -6.69 7.09 0.48
CA THR A 23 -7.28 8.34 0.96
C THR A 23 -8.27 8.08 2.08
N GLN A 24 -8.12 6.93 2.74
CA GLN A 24 -9.00 6.57 3.84
C GLN A 24 -8.48 5.34 4.58
N ARG A 25 -9.04 5.08 5.76
CA ARG A 25 -8.63 3.93 6.56
C ARG A 25 -9.34 2.67 6.11
N ASN A 26 -10.56 2.82 5.61
CA ASN A 26 -11.36 1.69 5.14
C ASN A 26 -10.70 1.03 3.94
N TYR A 27 -10.30 1.85 2.97
CA TYR A 27 -9.66 1.35 1.76
C TYR A 27 -8.32 0.68 2.08
N LEU A 28 -7.71 1.10 3.18
CA LEU A 28 -6.43 0.55 3.60
C LEU A 28 -6.62 -0.80 4.28
N VAL A 29 -7.65 -0.90 5.10
CA VAL A 29 -7.95 -2.15 5.81
C VAL A 29 -8.23 -3.28 4.83
N GLN A 30 -9.16 -3.05 3.92
CA GLN A 30 -9.52 -4.05 2.92
C GLN A 30 -8.28 -4.56 2.19
N HIS A 31 -7.29 -3.70 2.04
CA HIS A 31 -6.05 -4.06 1.36
C HIS A 31 -5.08 -4.72 2.32
N GLU A 32 -5.19 -4.39 3.60
CA GLU A 32 -4.32 -4.96 4.63
C GLU A 32 -4.67 -6.42 4.89
N ARG A 33 -5.93 -6.78 4.64
CA ARG A 33 -6.39 -8.15 4.85
C ARG A 33 -6.06 -9.02 3.65
N THR A 34 -6.13 -8.44 2.46
CA THR A 34 -5.84 -9.17 1.24
C THR A 34 -4.44 -9.78 1.28
N HIS A 35 -3.57 -9.19 2.09
CA HIS A 35 -2.20 -9.67 2.22
C HIS A 35 -2.16 -11.03 2.91
N ALA A 36 -2.29 -12.09 2.12
CA ALA A 36 -2.27 -13.45 2.65
C ALA A 36 -1.47 -14.38 1.76
N ARG A 37 -1.70 -14.29 0.45
CA ARG A 37 -1.00 -15.12 -0.52
C ARG A 37 -1.26 -14.65 -1.94
N LYS A 38 -0.26 -14.81 -2.81
CA LYS A 38 -0.39 -14.40 -4.19
C LYS A 38 0.50 -15.27 -5.10
N SER A 39 -0.12 -16.28 -5.71
CA SER A 39 0.61 -17.19 -6.59
C SER A 39 1.86 -17.74 -5.90
N GLY A 40 1.69 -18.85 -5.20
CA GLY A 40 2.81 -19.46 -4.50
C GLY A 40 3.57 -20.44 -5.37
N PRO A 41 2.98 -21.63 -5.58
CA PRO A 41 3.58 -22.68 -6.40
C PRO A 41 3.61 -22.33 -7.88
N SER A 42 4.62 -21.57 -8.29
CA SER A 42 4.76 -21.16 -9.68
C SER A 42 6.23 -21.08 -10.07
N SER A 43 7.02 -22.03 -9.59
CA SER A 43 8.45 -22.07 -9.88
C SER A 43 9.08 -23.36 -9.38
N GLY A 44 9.82 -24.03 -10.25
CA GLY A 44 10.47 -25.28 -9.88
C GLY A 44 10.54 -26.27 -11.03
N GLY A 1 5.34 27.97 -17.47
CA GLY A 1 5.55 26.76 -18.25
C GLY A 1 4.78 25.57 -17.69
N SER A 2 3.91 24.99 -18.51
CA SER A 2 3.11 23.84 -18.08
C SER A 2 3.85 22.54 -18.39
N SER A 3 3.72 21.58 -17.48
CA SER A 3 4.37 20.28 -17.64
C SER A 3 3.45 19.14 -17.18
N GLY A 4 2.89 19.31 -15.99
CA GLY A 4 2.00 18.30 -15.45
C GLY A 4 2.35 17.92 -14.01
N SER A 5 1.54 18.39 -13.07
CA SER A 5 1.78 18.10 -11.66
C SER A 5 0.45 17.87 -10.92
N SER A 6 -0.49 17.23 -11.61
CA SER A 6 -1.79 16.96 -11.02
C SER A 6 -1.85 15.54 -10.45
N GLY A 7 -0.69 15.02 -10.06
CA GLY A 7 -0.61 13.69 -9.50
C GLY A 7 0.26 13.62 -8.27
N ALA A 8 0.88 12.47 -8.04
CA ALA A 8 1.75 12.28 -6.88
C ALA A 8 0.99 12.54 -5.58
N GLY A 9 -0.33 12.30 -5.61
CA GLY A 9 -1.14 12.51 -4.44
C GLY A 9 -0.80 11.54 -3.33
N GLU A 10 -0.05 12.01 -2.33
CA GLU A 10 0.34 11.17 -1.21
C GLU A 10 -0.70 11.23 -0.10
N ASN A 11 -0.50 10.43 0.94
CA ASN A 11 -1.42 10.39 2.07
C ASN A 11 -0.79 9.68 3.27
N PRO A 12 -1.34 9.93 4.47
CA PRO A 12 -0.85 9.33 5.71
C PRO A 12 -1.13 7.84 5.77
N PHE A 13 -2.27 7.42 5.24
CA PHE A 13 -2.65 6.02 5.24
C PHE A 13 -1.75 5.21 4.31
N LYS A 14 -0.65 4.70 4.86
CA LYS A 14 0.30 3.91 4.08
C LYS A 14 0.34 2.47 4.59
N CYS A 15 0.29 1.52 3.65
CA CYS A 15 0.32 0.11 4.00
C CYS A 15 1.67 -0.28 4.60
N SER A 16 1.65 -1.24 5.51
CA SER A 16 2.87 -1.68 6.17
C SER A 16 3.55 -2.80 5.36
N LYS A 17 2.72 -3.66 4.77
CA LYS A 17 3.23 -4.77 3.96
C LYS A 17 3.99 -4.25 2.74
N CYS A 18 3.34 -3.40 1.97
CA CYS A 18 3.96 -2.83 0.77
C CYS A 18 3.95 -1.31 0.83
N ASP A 19 4.35 -0.68 -0.27
CA ASP A 19 4.41 0.78 -0.34
C ASP A 19 3.15 1.33 -1.02
N ARG A 20 1.99 1.03 -0.43
CA ARG A 20 0.72 1.50 -0.98
C ARG A 20 0.10 2.57 -0.10
N VAL A 21 -0.69 3.45 -0.70
CA VAL A 21 -1.35 4.52 0.05
C VAL A 21 -2.82 4.62 -0.32
N PHE A 22 -3.62 5.16 0.60
CA PHE A 22 -5.05 5.32 0.37
C PHE A 22 -5.55 6.63 0.95
N THR A 23 -6.73 7.06 0.49
CA THR A 23 -7.32 8.31 0.96
C THR A 23 -8.29 8.06 2.11
N GLN A 24 -8.13 6.93 2.79
CA GLN A 24 -8.99 6.57 3.90
C GLN A 24 -8.46 5.34 4.63
N ARG A 25 -9.02 5.07 5.80
CA ARG A 25 -8.59 3.92 6.60
C ARG A 25 -9.33 2.65 6.17
N ASN A 26 -10.54 2.83 5.66
CA ASN A 26 -11.35 1.70 5.20
C ASN A 26 -10.72 1.04 3.97
N TYR A 27 -10.29 1.86 3.02
CA TYR A 27 -9.67 1.36 1.80
C TYR A 27 -8.34 0.70 2.10
N LEU A 28 -7.71 1.12 3.19
CA LEU A 28 -6.42 0.56 3.58
C LEU A 28 -6.60 -0.81 4.24
N VAL A 29 -7.63 -0.93 5.07
CA VAL A 29 -7.92 -2.19 5.75
C VAL A 29 -8.20 -3.31 4.76
N GLN A 30 -9.13 -3.05 3.85
CA GLN A 30 -9.49 -4.04 2.83
C GLN A 30 -8.26 -4.55 2.10
N HIS A 31 -7.25 -3.69 1.99
CA HIS A 31 -6.01 -4.05 1.30
C HIS A 31 -5.04 -4.76 2.26
N GLU A 32 -5.15 -4.42 3.54
CA GLU A 32 -4.29 -5.03 4.55
C GLU A 32 -4.72 -6.46 4.86
N ARG A 33 -6.01 -6.74 4.64
CA ARG A 33 -6.55 -8.07 4.89
C ARG A 33 -6.23 -9.01 3.74
N THR A 34 -6.11 -8.46 2.53
CA THR A 34 -5.81 -9.25 1.35
C THR A 34 -4.40 -9.82 1.42
N HIS A 35 -3.53 -9.15 2.17
CA HIS A 35 -2.15 -9.59 2.31
C HIS A 35 -2.09 -10.94 3.02
N ALA A 36 -2.01 -12.01 2.24
CA ALA A 36 -1.93 -13.36 2.79
C ALA A 36 -0.64 -14.05 2.38
N ARG A 37 0.41 -13.27 2.19
CA ARG A 37 1.70 -13.81 1.79
C ARG A 37 2.82 -13.29 2.71
N LYS A 38 2.98 -13.92 3.86
CA LYS A 38 3.99 -13.52 4.82
C LYS A 38 5.38 -13.54 4.18
N SER A 39 6.01 -12.37 4.12
CA SER A 39 7.34 -12.25 3.53
C SER A 39 8.27 -11.43 4.43
N GLY A 40 9.55 -11.39 4.06
CA GLY A 40 10.51 -10.64 4.85
C GLY A 40 11.78 -10.36 4.08
N PRO A 41 12.58 -11.41 3.84
CA PRO A 41 13.85 -11.31 3.12
C PRO A 41 13.64 -10.99 1.63
N SER A 42 12.55 -11.51 1.07
CA SER A 42 12.24 -11.29 -0.33
C SER A 42 11.08 -10.31 -0.49
N SER A 43 11.35 -9.04 -0.20
CA SER A 43 10.33 -8.00 -0.31
C SER A 43 10.42 -7.29 -1.65
N GLY A 44 10.72 -8.05 -2.70
CA GLY A 44 10.82 -7.47 -4.02
C GLY A 44 10.69 -8.51 -5.12
N GLY A 1 20.84 19.30 -5.75
CA GLY A 1 20.39 19.73 -7.06
C GLY A 1 19.07 19.11 -7.46
N SER A 2 17.99 19.62 -6.89
CA SER A 2 16.66 19.11 -7.19
C SER A 2 15.99 19.94 -8.28
N SER A 3 14.78 19.54 -8.66
CA SER A 3 14.03 20.24 -9.71
C SER A 3 12.59 20.46 -9.28
N GLY A 4 11.99 19.43 -8.66
CA GLY A 4 10.62 19.53 -8.22
C GLY A 4 9.64 18.92 -9.20
N SER A 5 8.56 18.34 -8.69
CA SER A 5 7.55 17.72 -9.53
C SER A 5 6.22 18.44 -9.40
N SER A 6 5.38 18.30 -10.43
CA SER A 6 4.07 18.95 -10.44
C SER A 6 3.06 18.13 -9.66
N GLY A 7 3.26 16.82 -9.64
CA GLY A 7 2.34 15.94 -8.92
C GLY A 7 2.33 16.22 -7.43
N ALA A 8 3.04 15.40 -6.67
CA ALA A 8 3.11 15.57 -5.22
C ALA A 8 1.73 15.37 -4.58
N GLY A 9 1.28 14.12 -4.54
CA GLY A 9 -0.02 13.82 -3.96
C GLY A 9 0.00 12.53 -3.16
N GLU A 10 0.54 12.59 -1.95
CA GLU A 10 0.61 11.42 -1.09
C GLU A 10 -0.42 11.51 0.05
N ASN A 11 -0.47 10.47 0.87
CA ASN A 11 -1.42 10.43 1.98
C ASN A 11 -0.79 9.74 3.20
N PRO A 12 -1.37 9.99 4.38
CA PRO A 12 -0.89 9.42 5.64
C PRO A 12 -1.14 7.91 5.72
N PHE A 13 -2.28 7.49 5.19
CA PHE A 13 -2.64 6.07 5.20
C PHE A 13 -1.74 5.27 4.27
N LYS A 14 -0.68 4.71 4.84
CA LYS A 14 0.27 3.91 4.07
C LYS A 14 0.32 2.47 4.58
N CYS A 15 0.24 1.52 3.66
CA CYS A 15 0.28 0.10 4.03
C CYS A 15 1.62 -0.26 4.65
N SER A 16 1.60 -1.22 5.57
CA SER A 16 2.81 -1.66 6.24
C SER A 16 3.50 -2.78 5.47
N LYS A 17 2.69 -3.64 4.85
CA LYS A 17 3.23 -4.75 4.07
C LYS A 17 3.98 -4.25 2.86
N CYS A 18 3.32 -3.43 2.05
CA CYS A 18 3.94 -2.87 0.85
C CYS A 18 3.96 -1.35 0.90
N ASP A 19 4.36 -0.73 -0.20
CA ASP A 19 4.42 0.72 -0.29
C ASP A 19 3.18 1.28 -0.98
N ARG A 20 2.01 1.02 -0.40
CA ARG A 20 0.75 1.49 -0.96
C ARG A 20 0.14 2.57 -0.08
N VAL A 21 -0.65 3.45 -0.70
CA VAL A 21 -1.29 4.54 0.02
C VAL A 21 -2.77 4.63 -0.34
N PHE A 22 -3.57 5.17 0.58
CA PHE A 22 -4.99 5.32 0.37
C PHE A 22 -5.51 6.64 0.95
N THR A 23 -6.67 7.08 0.48
CA THR A 23 -7.26 8.32 0.96
C THR A 23 -8.25 8.06 2.09
N GLN A 24 -8.09 6.93 2.76
CA GLN A 24 -8.97 6.57 3.87
C GLN A 24 -8.44 5.35 4.60
N ARG A 25 -9.00 5.08 5.78
CA ARG A 25 -8.57 3.95 6.59
C ARG A 25 -9.31 2.68 6.16
N ASN A 26 -10.53 2.85 5.65
CA ASN A 26 -11.33 1.72 5.21
C ASN A 26 -10.69 1.04 4.00
N TYR A 27 -10.34 1.84 3.00
CA TYR A 27 -9.73 1.32 1.78
C TYR A 27 -8.38 0.66 2.09
N LEU A 28 -7.75 1.10 3.17
CA LEU A 28 -6.46 0.55 3.58
C LEU A 28 -6.63 -0.80 4.25
N VAL A 29 -7.66 -0.93 5.08
CA VAL A 29 -7.93 -2.17 5.78
C VAL A 29 -8.21 -3.31 4.80
N GLN A 30 -9.14 -3.08 3.88
CA GLN A 30 -9.50 -4.08 2.89
C GLN A 30 -8.25 -4.59 2.16
N HIS A 31 -7.26 -3.72 2.03
CA HIS A 31 -6.01 -4.09 1.36
C HIS A 31 -5.05 -4.77 2.33
N GLU A 32 -5.15 -4.42 3.60
CA GLU A 32 -4.28 -5.00 4.63
C GLU A 32 -4.67 -6.45 4.90
N ARG A 33 -5.93 -6.78 4.65
CA ARG A 33 -6.42 -8.13 4.87
C ARG A 33 -6.11 -9.03 3.66
N THR A 34 -6.20 -8.46 2.46
CA THR A 34 -5.93 -9.20 1.25
C THR A 34 -4.53 -9.79 1.25
N HIS A 35 -3.63 -9.18 2.04
CA HIS A 35 -2.26 -9.64 2.14
C HIS A 35 -2.20 -11.04 2.76
N ALA A 36 -2.20 -12.06 1.90
CA ALA A 36 -2.14 -13.45 2.36
C ALA A 36 -1.09 -14.23 1.60
N ARG A 37 -0.40 -15.12 2.31
CA ARG A 37 0.64 -15.95 1.69
C ARG A 37 0.28 -17.43 1.78
N LYS A 38 -0.19 -17.97 0.66
CA LYS A 38 -0.58 -19.39 0.60
C LYS A 38 0.65 -20.27 0.42
N SER A 39 0.46 -21.57 0.60
CA SER A 39 1.55 -22.53 0.46
C SER A 39 2.74 -22.14 1.34
N GLY A 40 2.43 -21.51 2.47
CA GLY A 40 3.49 -21.10 3.40
C GLY A 40 3.17 -21.43 4.83
N PRO A 41 4.04 -21.01 5.76
CA PRO A 41 3.87 -21.27 7.19
C PRO A 41 2.71 -20.47 7.78
N SER A 42 2.51 -19.26 7.28
CA SER A 42 1.44 -18.40 7.76
C SER A 42 1.59 -18.13 9.26
N SER A 43 2.83 -18.09 9.72
CA SER A 43 3.12 -17.85 11.13
C SER A 43 3.09 -16.36 11.44
N GLY A 44 1.88 -15.81 11.59
CA GLY A 44 1.75 -14.39 11.88
C GLY A 44 0.33 -13.90 11.66
N GLY A 1 7.97 -0.06 -21.07
CA GLY A 1 7.16 0.50 -20.01
C GLY A 1 5.72 0.73 -20.43
N SER A 2 4.90 1.24 -19.51
CA SER A 2 3.50 1.49 -19.79
C SER A 2 2.95 2.57 -18.87
N SER A 3 3.14 2.38 -17.56
CA SER A 3 2.66 3.34 -16.57
C SER A 3 3.20 4.73 -16.85
N GLY A 4 2.36 5.75 -16.68
CA GLY A 4 2.77 7.12 -16.92
C GLY A 4 1.93 8.11 -16.16
N SER A 5 2.33 8.39 -14.91
CA SER A 5 1.60 9.33 -14.06
C SER A 5 0.14 8.91 -13.91
N SER A 6 -0.11 8.07 -12.91
CA SER A 6 -1.46 7.58 -12.65
C SER A 6 -1.92 7.99 -11.24
N GLY A 7 -1.36 9.07 -10.74
CA GLY A 7 -1.72 9.54 -9.41
C GLY A 7 -0.66 9.21 -8.37
N ALA A 8 0.15 10.20 -8.03
CA ALA A 8 1.20 10.02 -7.04
C ALA A 8 0.62 9.57 -5.70
N GLY A 9 1.47 8.96 -4.88
CA GLY A 9 1.02 8.49 -3.58
C GLY A 9 1.40 9.44 -2.45
N GLU A 10 0.55 10.43 -2.22
CA GLU A 10 0.79 11.42 -1.17
C GLU A 10 -0.37 11.46 -0.18
N ASN A 11 -0.33 10.58 0.81
CA ASN A 11 -1.39 10.51 1.82
C ASN A 11 -0.87 9.88 3.11
N PRO A 12 -1.59 10.11 4.21
CA PRO A 12 -1.22 9.58 5.53
C PRO A 12 -1.42 8.07 5.61
N PHE A 13 -2.52 7.59 5.04
CA PHE A 13 -2.83 6.17 5.04
C PHE A 13 -1.87 5.40 4.17
N LYS A 14 -0.91 4.71 4.80
CA LYS A 14 0.08 3.93 4.08
C LYS A 14 0.09 2.48 4.56
N CYS A 15 0.11 1.55 3.62
CA CYS A 15 0.13 0.13 3.95
C CYS A 15 1.44 -0.25 4.63
N SER A 16 1.36 -1.17 5.60
CA SER A 16 2.53 -1.62 6.33
C SER A 16 3.32 -2.64 5.52
N LYS A 17 2.61 -3.66 5.02
CA LYS A 17 3.25 -4.70 4.24
C LYS A 17 4.06 -4.11 3.09
N CYS A 18 3.38 -3.53 2.11
CA CYS A 18 4.04 -2.92 0.96
C CYS A 18 4.05 -1.40 1.09
N ASP A 19 4.45 -0.73 0.01
CA ASP A 19 4.50 0.73 0.01
C ASP A 19 3.29 1.31 -0.71
N ARG A 20 2.10 0.94 -0.25
CA ARG A 20 0.87 1.42 -0.85
C ARG A 20 0.28 2.57 -0.03
N VAL A 21 -0.52 3.41 -0.68
CA VAL A 21 -1.15 4.55 -0.02
C VAL A 21 -2.63 4.65 -0.38
N PHE A 22 -3.40 5.25 0.51
CA PHE A 22 -4.84 5.41 0.30
C PHE A 22 -5.33 6.73 0.88
N THR A 23 -6.58 7.09 0.56
CA THR A 23 -7.17 8.33 1.06
C THR A 23 -8.19 8.05 2.15
N GLN A 24 -8.07 6.89 2.79
CA GLN A 24 -8.99 6.50 3.85
C GLN A 24 -8.45 5.29 4.62
N ARG A 25 -8.99 5.09 5.82
CA ARG A 25 -8.56 3.97 6.66
C ARG A 25 -9.27 2.68 6.25
N ASN A 26 -10.50 2.82 5.76
CA ASN A 26 -11.29 1.67 5.34
C ASN A 26 -10.62 0.96 4.16
N TYR A 27 -10.37 1.71 3.09
CA TYR A 27 -9.74 1.15 1.91
C TYR A 27 -8.39 0.50 2.25
N LEU A 28 -7.69 1.11 3.19
CA LEU A 28 -6.39 0.60 3.63
C LEU A 28 -6.53 -0.76 4.30
N VAL A 29 -7.56 -0.89 5.14
CA VAL A 29 -7.80 -2.14 5.85
C VAL A 29 -8.09 -3.28 4.89
N GLN A 30 -9.00 -3.04 3.95
CA GLN A 30 -9.35 -4.05 2.96
C GLN A 30 -8.11 -4.55 2.22
N HIS A 31 -7.19 -3.63 1.93
CA HIS A 31 -5.96 -3.98 1.23
C HIS A 31 -5.00 -4.73 2.16
N GLU A 32 -5.17 -4.53 3.47
CA GLU A 32 -4.32 -5.18 4.45
C GLU A 32 -4.74 -6.63 4.67
N ARG A 33 -6.05 -6.85 4.70
CA ARG A 33 -6.58 -8.20 4.90
C ARG A 33 -6.34 -9.07 3.68
N THR A 34 -6.22 -8.42 2.52
CA THR A 34 -6.00 -9.15 1.27
C THR A 34 -4.57 -9.68 1.20
N HIS A 35 -3.66 -9.02 1.91
CA HIS A 35 -2.26 -9.43 1.92
C HIS A 35 -2.11 -10.85 2.47
N ALA A 36 -2.05 -11.82 1.57
CA ALA A 36 -1.91 -13.23 1.97
C ALA A 36 -0.74 -13.89 1.25
N ARG A 37 -0.84 -13.97 -0.07
CA ARG A 37 0.21 -14.58 -0.88
C ARG A 37 0.37 -16.05 -0.53
N LYS A 38 1.20 -16.75 -1.31
CA LYS A 38 1.44 -18.17 -1.08
C LYS A 38 2.71 -18.39 -0.27
N SER A 39 3.87 -18.18 -0.92
CA SER A 39 5.15 -18.34 -0.24
C SER A 39 5.48 -17.13 0.61
N GLY A 40 4.97 -15.97 0.21
CA GLY A 40 5.22 -14.75 0.95
C GLY A 40 6.70 -14.44 1.07
N PRO A 41 7.32 -14.06 -0.05
CA PRO A 41 8.74 -13.72 -0.10
C PRO A 41 9.06 -12.43 0.64
N SER A 42 8.25 -11.40 0.40
CA SER A 42 8.43 -10.10 1.04
C SER A 42 9.82 -9.55 0.74
N SER A 43 10.35 -9.91 -0.43
CA SER A 43 11.67 -9.46 -0.84
C SER A 43 11.74 -7.93 -0.86
N GLY A 44 11.00 -7.33 -1.78
CA GLY A 44 10.99 -5.88 -1.89
C GLY A 44 10.06 -5.39 -2.99
N GLY A 1 9.87 15.77 -4.86
CA GLY A 1 10.83 14.69 -5.03
C GLY A 1 10.21 13.44 -5.61
N SER A 2 10.71 13.00 -6.76
CA SER A 2 10.20 11.82 -7.43
C SER A 2 10.72 10.55 -6.76
N SER A 3 9.84 9.88 -6.02
CA SER A 3 10.22 8.65 -5.32
C SER A 3 9.20 7.54 -5.59
N GLY A 4 7.92 7.88 -5.43
CA GLY A 4 6.87 6.91 -5.66
C GLY A 4 6.10 7.17 -6.93
N SER A 5 5.23 8.18 -6.91
CA SER A 5 4.43 8.52 -8.07
C SER A 5 4.18 10.03 -8.13
N SER A 6 3.70 10.51 -9.28
CA SER A 6 3.42 11.93 -9.46
C SER A 6 1.91 12.17 -9.53
N GLY A 7 1.19 11.20 -10.08
CA GLY A 7 -0.26 11.34 -10.20
C GLY A 7 -0.95 11.36 -8.85
N ALA A 8 -0.57 10.44 -7.97
CA ALA A 8 -1.16 10.36 -6.64
C ALA A 8 -0.33 11.12 -5.63
N GLY A 9 -0.93 11.41 -4.47
CA GLY A 9 -0.22 12.13 -3.43
C GLY A 9 0.31 11.22 -2.35
N GLU A 10 1.14 11.76 -1.47
CA GLU A 10 1.72 10.99 -0.38
C GLU A 10 0.84 11.05 0.85
N ASN A 11 -0.36 10.46 0.75
CA ASN A 11 -1.30 10.44 1.86
C ASN A 11 -0.68 9.78 3.09
N PRO A 12 -1.28 10.05 4.27
CA PRO A 12 -0.81 9.49 5.53
C PRO A 12 -1.06 7.99 5.64
N PHE A 13 -2.21 7.56 5.11
CA PHE A 13 -2.58 6.15 5.15
C PHE A 13 -1.68 5.33 4.23
N LYS A 14 -0.63 4.74 4.80
CA LYS A 14 0.31 3.94 4.04
C LYS A 14 0.34 2.50 4.56
N CYS A 15 0.30 1.54 3.65
CA CYS A 15 0.33 0.13 4.01
C CYS A 15 1.66 -0.24 4.65
N SER A 16 1.62 -1.20 5.57
CA SER A 16 2.84 -1.65 6.25
C SER A 16 3.51 -2.78 5.48
N LYS A 17 2.70 -3.64 4.87
CA LYS A 17 3.22 -4.76 4.10
C LYS A 17 3.99 -4.27 2.88
N CYS A 18 3.34 -3.45 2.07
CA CYS A 18 3.97 -2.91 0.87
C CYS A 18 3.99 -1.39 0.91
N ASP A 19 4.40 -0.77 -0.20
CA ASP A 19 4.48 0.67 -0.29
C ASP A 19 3.22 1.24 -0.97
N ARG A 20 2.07 0.96 -0.39
CA ARG A 20 0.81 1.43 -0.95
C ARG A 20 0.21 2.54 -0.08
N VAL A 21 -0.59 3.41 -0.70
CA VAL A 21 -1.21 4.51 0.01
C VAL A 21 -2.69 4.60 -0.30
N PHE A 22 -3.46 5.17 0.62
CA PHE A 22 -4.90 5.32 0.44
C PHE A 22 -5.39 6.65 0.99
N THR A 23 -6.66 6.96 0.75
CA THR A 23 -7.25 8.21 1.21
C THR A 23 -8.10 7.99 2.46
N GLN A 24 -8.49 6.74 2.68
CA GLN A 24 -9.31 6.39 3.85
C GLN A 24 -8.79 5.13 4.53
N ARG A 25 -9.26 4.89 5.74
CA ARG A 25 -8.83 3.72 6.51
C ARG A 25 -9.55 2.47 6.02
N ASN A 26 -10.83 2.61 5.70
CA ASN A 26 -11.64 1.48 5.23
C ASN A 26 -11.03 0.88 3.96
N TYR A 27 -10.48 1.75 3.11
CA TYR A 27 -9.86 1.30 1.87
C TYR A 27 -8.51 0.65 2.13
N LEU A 28 -7.80 1.15 3.12
CA LEU A 28 -6.48 0.62 3.47
C LEU A 28 -6.62 -0.74 4.17
N VAL A 29 -7.60 -0.85 5.06
CA VAL A 29 -7.84 -2.08 5.79
C VAL A 29 -8.13 -3.24 4.83
N GLN A 30 -9.08 -3.02 3.93
CA GLN A 30 -9.46 -4.04 2.96
C GLN A 30 -8.23 -4.56 2.22
N HIS A 31 -7.23 -3.70 2.05
CA HIS A 31 -6.00 -4.08 1.36
C HIS A 31 -5.04 -4.78 2.31
N GLU A 32 -5.12 -4.43 3.59
CA GLU A 32 -4.26 -5.03 4.61
C GLU A 32 -4.66 -6.48 4.89
N ARG A 33 -5.92 -6.78 4.64
CA ARG A 33 -6.44 -8.13 4.86
C ARG A 33 -6.19 -9.03 3.65
N THR A 34 -6.20 -8.42 2.47
CA THR A 34 -5.98 -9.16 1.23
C THR A 34 -4.56 -9.72 1.18
N HIS A 35 -3.65 -9.10 1.92
CA HIS A 35 -2.26 -9.54 1.96
C HIS A 35 -2.16 -10.97 2.49
N ALA A 36 -2.10 -11.93 1.58
CA ALA A 36 -2.00 -13.34 1.96
C ALA A 36 -0.81 -14.01 1.29
N ARG A 37 0.27 -13.26 1.10
CA ARG A 37 1.47 -13.78 0.46
C ARG A 37 2.23 -14.70 1.41
N LYS A 38 3.25 -15.38 0.87
CA LYS A 38 4.06 -16.29 1.67
C LYS A 38 5.54 -15.98 1.52
N SER A 39 5.91 -14.73 1.82
CA SER A 39 7.31 -14.31 1.71
C SER A 39 7.83 -13.85 3.06
N GLY A 40 7.81 -14.75 4.04
CA GLY A 40 8.29 -14.42 5.36
C GLY A 40 8.36 -15.63 6.27
N PRO A 41 9.34 -16.51 6.01
CA PRO A 41 9.55 -17.72 6.81
C PRO A 41 10.04 -17.43 8.21
N SER A 42 10.78 -16.32 8.36
CA SER A 42 11.31 -15.92 9.65
C SER A 42 10.20 -15.84 10.70
N SER A 43 10.54 -16.22 11.93
CA SER A 43 9.56 -16.19 13.02
C SER A 43 10.27 -16.29 14.38
N GLY A 44 9.73 -15.59 15.36
CA GLY A 44 10.31 -15.61 16.69
C GLY A 44 9.78 -14.50 17.58
N GLY A 1 8.32 -0.20 -9.83
CA GLY A 1 7.64 0.76 -8.97
C GLY A 1 7.09 1.94 -9.74
N SER A 2 7.08 3.11 -9.10
CA SER A 2 6.57 4.32 -9.74
C SER A 2 7.32 4.61 -11.03
N SER A 3 6.85 5.62 -11.77
CA SER A 3 7.47 6.00 -13.03
C SER A 3 6.91 7.33 -13.52
N GLY A 4 7.72 8.39 -13.40
CA GLY A 4 7.27 9.70 -13.83
C GLY A 4 6.51 10.45 -12.77
N SER A 5 7.19 11.32 -12.03
CA SER A 5 6.57 12.09 -10.98
C SER A 5 5.81 13.29 -11.55
N SER A 6 4.53 13.39 -11.22
CA SER A 6 3.70 14.48 -11.71
C SER A 6 3.17 15.32 -10.55
N GLY A 7 2.91 14.66 -9.42
CA GLY A 7 2.40 15.37 -8.26
C GLY A 7 2.96 14.81 -6.96
N ALA A 8 3.69 15.64 -6.22
CA ALA A 8 4.28 15.23 -4.95
C ALA A 8 3.25 15.27 -3.83
N GLY A 9 2.32 14.33 -3.85
CA GLY A 9 1.28 14.28 -2.83
C GLY A 9 1.13 12.90 -2.23
N GLU A 10 1.70 12.69 -1.05
CA GLU A 10 1.61 11.41 -0.37
C GLU A 10 0.64 11.46 0.80
N ASN A 11 -0.31 10.53 0.81
CA ASN A 11 -1.30 10.49 1.88
C ASN A 11 -0.73 9.83 3.13
N PRO A 12 -1.38 10.07 4.28
CA PRO A 12 -0.96 9.51 5.56
C PRO A 12 -1.18 8.01 5.64
N PHE A 13 -2.31 7.55 5.10
CA PHE A 13 -2.64 6.13 5.11
C PHE A 13 -1.71 5.35 4.19
N LYS A 14 -0.70 4.71 4.79
CA LYS A 14 0.27 3.92 4.02
C LYS A 14 0.33 2.49 4.54
N CYS A 15 0.28 1.53 3.63
CA CYS A 15 0.32 0.12 3.98
C CYS A 15 1.68 -0.24 4.59
N SER A 16 1.67 -1.18 5.52
CA SER A 16 2.89 -1.61 6.18
C SER A 16 3.58 -2.72 5.38
N LYS A 17 2.77 -3.61 4.80
CA LYS A 17 3.29 -4.71 4.02
C LYS A 17 4.05 -4.20 2.79
N CYS A 18 3.40 -3.36 2.00
CA CYS A 18 4.03 -2.79 0.81
C CYS A 18 4.02 -1.27 0.87
N ASP A 19 4.43 -0.64 -0.23
CA ASP A 19 4.49 0.81 -0.31
C ASP A 19 3.21 1.37 -0.94
N ARG A 20 2.07 0.95 -0.41
CA ARG A 20 0.79 1.40 -0.94
C ARG A 20 0.22 2.53 -0.08
N VAL A 21 -0.58 3.40 -0.70
CA VAL A 21 -1.18 4.53 0.01
C VAL A 21 -2.68 4.63 -0.29
N PHE A 22 -3.41 5.23 0.64
CA PHE A 22 -4.85 5.38 0.47
C PHE A 22 -5.32 6.72 1.04
N THR A 23 -6.62 6.99 0.93
CA THR A 23 -7.19 8.23 1.42
C THR A 23 -8.04 7.99 2.67
N GLN A 24 -8.47 6.74 2.85
CA GLN A 24 -9.29 6.38 4.00
C GLN A 24 -8.77 5.11 4.66
N ARG A 25 -9.24 4.83 5.87
CA ARG A 25 -8.82 3.65 6.60
C ARG A 25 -9.54 2.41 6.09
N ASN A 26 -10.82 2.55 5.79
CA ASN A 26 -11.62 1.43 5.28
C ASN A 26 -11.01 0.86 4.01
N TYR A 27 -10.47 1.74 3.16
CA TYR A 27 -9.86 1.32 1.92
C TYR A 27 -8.51 0.66 2.17
N LEU A 28 -7.79 1.16 3.16
CA LEU A 28 -6.48 0.61 3.50
C LEU A 28 -6.61 -0.76 4.16
N VAL A 29 -7.60 -0.88 5.05
CA VAL A 29 -7.84 -2.14 5.75
C VAL A 29 -8.11 -3.28 4.76
N GLN A 30 -9.05 -3.04 3.84
CA GLN A 30 -9.41 -4.03 2.85
C GLN A 30 -8.17 -4.55 2.12
N HIS A 31 -7.18 -3.68 1.95
CA HIS A 31 -5.94 -4.04 1.27
C HIS A 31 -5.00 -4.76 2.22
N GLU A 32 -5.09 -4.45 3.51
CA GLU A 32 -4.25 -5.07 4.51
C GLU A 32 -4.70 -6.49 4.81
N ARG A 33 -6.00 -6.73 4.68
CA ARG A 33 -6.57 -8.04 4.93
C ARG A 33 -6.30 -8.99 3.77
N THR A 34 -6.21 -8.43 2.56
CA THR A 34 -5.95 -9.22 1.36
C THR A 34 -4.54 -9.77 1.37
N HIS A 35 -3.64 -9.10 2.09
CA HIS A 35 -2.26 -9.53 2.17
C HIS A 35 -2.15 -10.93 2.79
N ALA A 36 -2.00 -11.93 1.93
CA ALA A 36 -1.89 -13.32 2.39
C ALA A 36 -0.61 -13.97 1.86
N ARG A 37 0.48 -13.22 1.89
CA ARG A 37 1.77 -13.72 1.41
C ARG A 37 2.65 -14.14 2.59
N LYS A 38 3.70 -14.91 2.29
CA LYS A 38 4.62 -15.38 3.31
C LYS A 38 5.25 -14.19 4.05
N SER A 39 5.15 -14.22 5.38
CA SER A 39 5.71 -13.15 6.20
C SER A 39 7.21 -13.36 6.42
N GLY A 40 7.96 -12.26 6.44
CA GLY A 40 9.40 -12.34 6.63
C GLY A 40 9.88 -11.39 7.71
N PRO A 41 11.21 -11.23 7.79
CA PRO A 41 11.84 -10.35 8.78
C PRO A 41 11.57 -8.87 8.49
N SER A 42 10.68 -8.27 9.27
CA SER A 42 10.32 -6.87 9.10
C SER A 42 11.20 -5.98 9.98
N SER A 43 11.33 -4.71 9.58
CA SER A 43 12.14 -3.76 10.32
C SER A 43 11.41 -2.44 10.50
N GLY A 44 10.67 -2.31 11.60
CA GLY A 44 9.92 -1.10 11.86
C GLY A 44 8.57 -1.36 12.50
N GLY A 1 7.11 10.55 -23.47
CA GLY A 1 6.69 9.21 -23.11
C GLY A 1 5.72 9.20 -21.96
N SER A 2 6.08 9.88 -20.87
CA SER A 2 5.24 9.94 -19.68
C SER A 2 4.97 8.53 -19.13
N SER A 3 6.04 7.82 -18.82
CA SER A 3 5.94 6.47 -18.28
C SER A 3 7.04 6.18 -17.29
N GLY A 4 6.70 5.45 -16.22
CA GLY A 4 7.69 5.13 -15.20
C GLY A 4 7.08 5.09 -13.81
N SER A 5 7.78 5.70 -12.85
CA SER A 5 7.30 5.72 -11.47
C SER A 5 7.87 6.93 -10.73
N SER A 6 7.25 8.09 -10.95
CA SER A 6 7.69 9.33 -10.30
C SER A 6 6.88 9.60 -9.04
N GLY A 7 5.62 9.16 -9.06
CA GLY A 7 4.75 9.38 -7.91
C GLY A 7 3.28 9.40 -8.30
N ALA A 8 2.41 9.17 -7.31
CA ALA A 8 0.97 9.16 -7.56
C ALA A 8 0.21 9.77 -6.38
N GLY A 9 0.81 10.79 -5.77
CA GLY A 9 0.17 11.44 -4.64
C GLY A 9 0.90 11.18 -3.33
N GLU A 10 0.36 11.70 -2.24
CA GLU A 10 0.96 11.51 -0.93
C GLU A 10 -0.09 11.60 0.18
N ASN A 11 -0.35 10.47 0.83
CA ASN A 11 -1.34 10.41 1.90
C ASN A 11 -0.75 9.76 3.15
N PRO A 12 -1.39 10.01 4.30
CA PRO A 12 -0.95 9.46 5.58
C PRO A 12 -1.16 7.95 5.68
N PHE A 13 -2.30 7.49 5.15
CA PHE A 13 -2.63 6.07 5.18
C PHE A 13 -1.70 5.29 4.25
N LYS A 14 -0.69 4.65 4.82
CA LYS A 14 0.27 3.86 4.05
C LYS A 14 0.32 2.42 4.55
N CYS A 15 0.24 1.48 3.63
CA CYS A 15 0.29 0.07 3.98
C CYS A 15 1.64 -0.31 4.58
N SER A 16 1.64 -1.26 5.51
CA SER A 16 2.87 -1.71 6.16
C SER A 16 3.53 -2.81 5.34
N LYS A 17 2.72 -3.69 4.76
CA LYS A 17 3.23 -4.80 3.97
C LYS A 17 3.99 -4.28 2.75
N CYS A 18 3.35 -3.42 1.97
CA CYS A 18 3.97 -2.86 0.78
C CYS A 18 3.97 -1.33 0.83
N ASP A 19 4.38 -0.71 -0.27
CA ASP A 19 4.42 0.75 -0.34
C ASP A 19 3.15 1.31 -0.97
N ARG A 20 2.01 0.89 -0.44
CA ARG A 20 0.71 1.34 -0.95
C ARG A 20 0.16 2.47 -0.09
N VAL A 21 -0.65 3.33 -0.71
CA VAL A 21 -1.25 4.46 -0.01
C VAL A 21 -2.73 4.59 -0.33
N PHE A 22 -3.48 5.17 0.60
CA PHE A 22 -4.92 5.35 0.42
C PHE A 22 -5.39 6.67 1.02
N THR A 23 -6.59 7.09 0.65
CA THR A 23 -7.15 8.34 1.15
C THR A 23 -8.15 8.08 2.28
N GLN A 24 -8.03 6.92 2.91
CA GLN A 24 -8.92 6.55 4.01
C GLN A 24 -8.45 5.28 4.69
N ARG A 25 -8.97 5.02 5.89
CA ARG A 25 -8.59 3.83 6.64
C ARG A 25 -9.47 2.64 6.25
N ASN A 26 -10.65 2.93 5.74
CA ASN A 26 -11.58 1.89 5.32
C ASN A 26 -11.06 1.16 4.08
N TYR A 27 -10.42 1.91 3.20
CA TYR A 27 -9.87 1.34 1.97
C TYR A 27 -8.52 0.66 2.24
N LEU A 28 -7.81 1.15 3.24
CA LEU A 28 -6.51 0.58 3.60
C LEU A 28 -6.67 -0.80 4.22
N VAL A 29 -7.68 -0.96 5.07
CA VAL A 29 -7.94 -2.23 5.73
C VAL A 29 -8.23 -3.32 4.70
N GLN A 30 -9.14 -3.04 3.77
CA GLN A 30 -9.50 -4.00 2.74
C GLN A 30 -8.26 -4.52 2.02
N HIS A 31 -7.23 -3.69 1.95
CA HIS A 31 -5.99 -4.07 1.29
C HIS A 31 -5.03 -4.74 2.26
N GLU A 32 -5.16 -4.39 3.54
CA GLU A 32 -4.30 -4.97 4.58
C GLU A 32 -4.70 -6.41 4.86
N ARG A 33 -5.96 -6.74 4.60
CA ARG A 33 -6.46 -8.09 4.83
C ARG A 33 -6.07 -9.02 3.69
N THR A 34 -5.94 -8.46 2.49
CA THR A 34 -5.56 -9.23 1.32
C THR A 34 -4.17 -9.82 1.47
N HIS A 35 -3.35 -9.17 2.28
CA HIS A 35 -1.98 -9.64 2.52
C HIS A 35 -1.98 -10.91 3.35
N ALA A 36 -2.17 -12.05 2.68
CA ALA A 36 -2.19 -13.34 3.36
C ALA A 36 -1.54 -14.42 2.50
N ARG A 37 -0.65 -14.01 1.60
CA ARG A 37 0.04 -14.93 0.72
C ARG A 37 1.55 -14.74 0.80
N LYS A 38 2.01 -13.55 0.43
CA LYS A 38 3.42 -13.24 0.46
C LYS A 38 3.76 -12.27 1.60
N SER A 39 4.90 -12.49 2.24
CA SER A 39 5.32 -11.64 3.35
C SER A 39 6.67 -10.99 3.06
N GLY A 40 6.66 -9.68 2.84
CA GLY A 40 7.90 -8.97 2.55
C GLY A 40 8.45 -9.31 1.18
N PRO A 41 7.76 -8.87 0.13
CA PRO A 41 8.17 -9.11 -1.26
C PRO A 41 9.43 -8.34 -1.63
N SER A 42 10.26 -8.93 -2.50
CA SER A 42 11.50 -8.31 -2.93
C SER A 42 12.43 -8.06 -1.75
N SER A 43 13.30 -9.04 -1.48
CA SER A 43 14.25 -8.95 -0.38
C SER A 43 15.63 -9.37 -0.82
N GLY A 44 15.73 -10.58 -1.38
CA GLY A 44 17.01 -11.08 -1.83
C GLY A 44 17.65 -10.20 -2.88
#